data_6FXX
#
_entry.id   6FXX
#
_cell.length_a   98.679
_cell.length_b   100.330
_cell.length_c   225.954
_cell.angle_alpha   90.00
_cell.angle_beta   90.00
_cell.angle_gamma   90.00
#
_symmetry.space_group_name_H-M   'C 2 2 21'
#
loop_
_entity.id
_entity.type
_entity.pdbx_description
1 polymer 'Procollagen-lysine,2-oxoglutarate 5-dioxygenase 3'
2 branched 2-acetamido-2-deoxy-beta-D-glucopyranose-(1-4)-2-acetamido-2-deoxy-beta-D-glucopyranose
3 non-polymer GLYCEROL
4 non-polymer 'MERCURY (II) ION'
5 non-polymer '2-OXOGLUTARIC ACID'
6 non-polymer "URIDINE-5'-DIPHOSPHATE"
7 non-polymer 'MANGANESE (II) ION'
8 non-polymer 'FE (II) ION'
9 non-polymer 2-acetamido-2-deoxy-beta-D-glucopyranose
#
_entity_poly.entity_id   1
_entity_poly.type   'polypeptide(L)'
_entity_poly.pdbx_seq_one_letter_code
;SSDRPRGRDPVNPEKLLVITVATAETEGYLRFLRSAEFFNYTVRTLGLGEEWRGGDVARTVGGGQKVRWLKKEMEKYADR
EDMIIMFVDSYDVILAGSPTELLKKFVQSGSRLLFSAESFCWPEWGLAEQYPEVGTGKRFLNSGGFIGFATTIHQIVRQW
KYKDDDDDQLFYTRLYLDPGLREKLSLNLDHKSRIFQNLNGALDEVVLKFDRNRVRIRNVAYDTLPIVVHGNGPTKLQLN
YLGNYVPNGWTPEGGCGFCNQDRRTLPGGQPPPRVFLAVFVEQPTPFLPRFLQRLLLLDYPPDRVTLFLHNNEVFHEPHI
ADSWPQLQDHFSAVKLVGPEEALSPGEARDMAMDLCRQDPECEFYFSLDADAVLTNLQTLRILIEENRKVIAPMLSRHGK
LWSNFWGALSPDEYYARSEDYVELVQRKRVGVWNVPYISQAYVIRGDTLRMELPQRDVFSGSDTDPDMAFCKSFRDKGIF
LHLSNQHEFGRLLATSRYDTEHLHPDLWQIFDNPVDWKEQYIHENYSRALEGEGIVEQPCPDVYWFPLLSEQMCDELVAE
MEHYGQWSGGRHEDSRLAGGYENVPTVDIHMKQVGYEDQWLQLLRTYVGPMTESLFPGYHTKARAVMNFVVRYRPDEQPS
LRPHHDSSTFTLNVALNHKGLDYEGGGCRFLRYDCVISSPRKGWALLHPGRLTHYHEGLPTTWGTRYIMVSFVDPAAA
;
_entity_poly.pdbx_strand_id   A
#
loop_
_chem_comp.id
_chem_comp.type
_chem_comp.name
_chem_comp.formula
AKG non-polymer '2-OXOGLUTARIC ACID' 'C5 H6 O5'
FE2 non-polymer 'FE (II) ION' 'Fe 2'
GOL non-polymer GLYCEROL 'C3 H8 O3'
HG non-polymer 'MERCURY (II) ION' 'Hg 2'
MN non-polymer 'MANGANESE (II) ION' 'Mn 2'
NAG D-saccharide, beta linking 2-acetamido-2-deoxy-beta-D-glucopyranose 'C8 H15 N O6'
UDP RNA linking URIDINE-5'-DIPHOSPHATE 'C9 H14 N2 O12 P2'
#
# COMPACT_ATOMS: atom_id res chain seq x y z
N PRO A 10 13.26 -44.90 -19.64
CA PRO A 10 12.48 -43.67 -19.50
C PRO A 10 10.98 -43.93 -19.40
N VAL A 11 10.40 -43.69 -18.22
CA VAL A 11 8.97 -43.91 -18.03
C VAL A 11 8.19 -42.88 -18.85
N ASN A 12 7.15 -43.35 -19.53
CA ASN A 12 6.38 -42.48 -20.40
C ASN A 12 5.60 -41.48 -19.56
N PRO A 13 5.74 -40.17 -19.83
CA PRO A 13 4.96 -39.18 -19.05
C PRO A 13 3.47 -39.34 -19.20
N GLU A 14 2.99 -39.96 -20.28
CA GLU A 14 1.55 -40.16 -20.44
C GLU A 14 1.01 -41.19 -19.45
N LYS A 15 1.88 -41.97 -18.82
CA LYS A 15 1.48 -42.93 -17.79
C LYS A 15 1.43 -42.34 -16.40
N LEU A 16 1.64 -41.03 -16.26
CA LEU A 16 1.62 -40.37 -14.96
C LEU A 16 0.25 -39.72 -14.74
N LEU A 17 -0.29 -39.89 -13.55
CA LEU A 17 -1.56 -39.31 -13.17
C LEU A 17 -1.42 -38.66 -11.81
N VAL A 18 -1.85 -37.40 -11.70
CA VAL A 18 -1.83 -36.66 -10.46
C VAL A 18 -3.25 -36.64 -9.90
N ILE A 19 -3.43 -37.20 -8.71
CA ILE A 19 -4.73 -37.29 -8.07
C ILE A 19 -4.70 -36.41 -6.82
N THR A 20 -5.71 -35.56 -6.67
CA THR A 20 -5.78 -34.64 -5.55
C THR A 20 -7.22 -34.55 -5.07
N VAL A 21 -7.39 -34.01 -3.87
CA VAL A 21 -8.71 -33.86 -3.23
C VAL A 21 -8.98 -32.37 -3.05
N ALA A 22 -10.18 -31.94 -3.47
CA ALA A 22 -10.55 -30.53 -3.37
C ALA A 22 -12.07 -30.43 -3.37
N THR A 23 -12.65 -30.04 -2.24
CA THR A 23 -14.10 -29.92 -2.13
C THR A 23 -14.65 -28.65 -2.78
N ALA A 24 -13.80 -27.65 -3.01
CA ALA A 24 -14.23 -26.40 -3.62
C ALA A 24 -13.07 -25.81 -4.41
N GLU A 25 -13.41 -25.02 -5.42
CA GLU A 25 -12.41 -24.35 -6.26
C GLU A 25 -11.95 -23.06 -5.59
N THR A 26 -11.24 -23.22 -4.48
CA THR A 26 -10.68 -22.07 -3.78
C THR A 26 -9.50 -21.49 -4.57
N GLU A 27 -8.97 -20.38 -4.07
CA GLU A 27 -7.85 -19.74 -4.73
C GLU A 27 -6.58 -20.57 -4.63
N GLY A 28 -6.40 -21.30 -3.53
CA GLY A 28 -5.26 -22.19 -3.42
C GLY A 28 -5.34 -23.37 -4.37
N TYR A 29 -6.54 -23.87 -4.64
CA TYR A 29 -6.70 -24.96 -5.60
C TYR A 29 -6.47 -24.48 -7.02
N LEU A 30 -7.08 -23.35 -7.40
CA LEU A 30 -6.88 -22.80 -8.73
C LEU A 30 -5.42 -22.42 -8.95
N ARG A 31 -4.71 -22.07 -7.88
CA ARG A 31 -3.28 -21.80 -7.98
C ARG A 31 -2.50 -23.09 -8.25
N PHE A 32 -2.91 -24.19 -7.61
CA PHE A 32 -2.29 -25.48 -7.87
C PHE A 32 -2.52 -25.93 -9.31
N LEU A 33 -3.74 -25.77 -9.82
CA LEU A 33 -4.03 -26.23 -11.17
C LEU A 33 -3.26 -25.44 -12.22
N ARG A 34 -3.02 -24.16 -11.98
CA ARG A 34 -2.25 -23.36 -12.93
C ARG A 34 -0.80 -23.82 -12.98
N SER A 35 -0.23 -24.20 -11.83
CA SER A 35 1.13 -24.74 -11.82
C SER A 35 1.19 -26.10 -12.48
N ALA A 36 0.10 -26.88 -12.38
CA ALA A 36 0.04 -28.18 -13.03
C ALA A 36 -0.15 -28.05 -14.53
N GLU A 37 -1.03 -27.15 -14.97
CA GLU A 37 -1.22 -26.93 -16.40
C GLU A 37 -0.01 -26.29 -17.05
N PHE A 38 0.88 -25.68 -16.26
CA PHE A 38 2.07 -25.06 -16.82
C PHE A 38 3.08 -26.12 -17.26
N PHE A 39 3.19 -27.21 -16.52
CA PHE A 39 4.07 -28.31 -16.86
C PHE A 39 3.34 -29.43 -17.62
N ASN A 40 2.12 -29.17 -18.09
CA ASN A 40 1.33 -30.13 -18.85
C ASN A 40 1.03 -31.40 -18.05
N TYR A 41 0.89 -31.28 -16.73
CA TYR A 41 0.42 -32.39 -15.93
C TYR A 41 -1.04 -32.69 -16.25
N THR A 42 -1.43 -33.94 -16.03
CA THR A 42 -2.83 -34.37 -16.13
C THR A 42 -3.31 -34.69 -14.73
N VAL A 43 -4.29 -33.91 -14.26
CA VAL A 43 -4.75 -33.97 -12.88
C VAL A 43 -6.18 -34.49 -12.85
N ARG A 44 -6.45 -35.38 -11.90
CA ARG A 44 -7.80 -35.85 -11.62
C ARG A 44 -8.14 -35.40 -10.20
N THR A 45 -9.21 -34.61 -10.08
CA THR A 45 -9.60 -34.01 -8.81
C THR A 45 -10.76 -34.80 -8.22
N LEU A 46 -10.64 -35.17 -6.95
CA LEU A 46 -11.63 -35.99 -6.26
C LEU A 46 -12.44 -35.14 -5.28
N GLY A 47 -13.76 -35.19 -5.41
CA GLY A 47 -14.64 -34.59 -4.43
C GLY A 47 -15.00 -33.15 -4.66
N LEU A 48 -15.10 -32.71 -5.92
CA LEU A 48 -15.37 -31.30 -6.19
C LEU A 48 -16.78 -30.89 -5.83
N GLY A 49 -17.71 -31.83 -5.73
CA GLY A 49 -19.09 -31.48 -5.46
C GLY A 49 -19.51 -31.68 -4.01
N GLU A 50 -18.91 -32.66 -3.34
CA GLU A 50 -19.34 -33.02 -2.00
C GLU A 50 -18.91 -31.97 -0.98
N GLU A 51 -19.36 -32.16 0.25
CA GLU A 51 -18.95 -31.34 1.38
C GLU A 51 -17.83 -32.05 2.15
N TRP A 52 -17.06 -31.26 2.89
CA TRP A 52 -15.87 -31.75 3.58
C TRP A 52 -16.29 -32.36 4.92
N ARG A 53 -16.17 -33.67 5.04
CA ARG A 53 -16.46 -34.39 6.28
C ARG A 53 -15.21 -34.74 7.07
N GLY A 54 -14.03 -34.33 6.59
CA GLY A 54 -12.75 -34.57 7.23
C GLY A 54 -12.48 -33.80 8.49
N GLY A 55 -13.47 -33.05 9.00
CA GLY A 55 -13.27 -32.28 10.22
C GLY A 55 -12.61 -30.94 9.92
N ASP A 56 -11.82 -30.47 10.88
CA ASP A 56 -11.09 -29.21 10.77
C ASP A 56 -9.61 -29.56 10.72
N VAL A 57 -9.11 -29.84 9.51
CA VAL A 57 -7.74 -30.29 9.34
C VAL A 57 -6.73 -29.18 9.62
N ALA A 58 -7.14 -27.92 9.55
CA ALA A 58 -6.26 -26.80 9.87
C ALA A 58 -6.01 -26.68 11.36
N ARG A 59 -6.90 -27.23 12.19
CA ARG A 59 -6.79 -27.13 13.65
C ARG A 59 -6.20 -28.40 14.26
N THR A 60 -6.78 -29.57 13.96
CA THR A 60 -6.35 -30.82 14.57
C THR A 60 -6.12 -31.90 13.53
N VAL A 61 -6.39 -33.16 13.91
CA VAL A 61 -6.17 -34.29 13.01
C VAL A 61 -7.43 -34.53 12.19
N GLY A 62 -7.24 -35.17 11.04
CA GLY A 62 -8.36 -35.46 10.15
C GLY A 62 -7.85 -35.80 8.77
N GLY A 63 -8.74 -35.67 7.80
CA GLY A 63 -8.41 -35.92 6.41
C GLY A 63 -8.63 -37.35 5.95
N GLY A 64 -9.30 -38.18 6.74
CA GLY A 64 -9.60 -39.54 6.32
C GLY A 64 -10.50 -39.61 5.11
N GLN A 65 -11.32 -38.60 4.88
CA GLN A 65 -12.17 -38.57 3.70
C GLN A 65 -11.37 -38.54 2.40
N LYS A 66 -10.12 -38.08 2.46
CA LYS A 66 -9.27 -38.12 1.28
C LYS A 66 -8.92 -39.55 0.89
N VAL A 67 -8.58 -40.37 1.88
CA VAL A 67 -8.20 -41.75 1.58
C VAL A 67 -9.39 -42.54 1.07
N ARG A 68 -10.58 -42.26 1.60
CA ARG A 68 -11.78 -42.97 1.15
C ARG A 68 -12.07 -42.68 -0.31
N TRP A 69 -11.98 -41.41 -0.72
CA TRP A 69 -12.15 -41.09 -2.13
C TRP A 69 -11.03 -41.66 -2.98
N LEU A 70 -9.82 -41.74 -2.43
CA LEU A 70 -8.70 -42.29 -3.18
C LEU A 70 -8.83 -43.79 -3.37
N LYS A 71 -9.26 -44.51 -2.33
CA LYS A 71 -9.47 -45.94 -2.44
C LYS A 71 -10.51 -46.27 -3.51
N LYS A 72 -11.61 -45.53 -3.54
CA LYS A 72 -12.62 -45.72 -4.57
C LYS A 72 -12.04 -45.47 -5.95
N GLU A 73 -11.14 -44.48 -6.07
CA GLU A 73 -10.55 -44.18 -7.36
C GLU A 73 -9.51 -45.23 -7.76
N MET A 74 -8.80 -45.80 -6.80
CA MET A 74 -7.75 -46.76 -7.10
C MET A 74 -8.28 -48.12 -7.53
N GLU A 75 -9.58 -48.39 -7.36
CA GLU A 75 -10.11 -49.69 -7.72
C GLU A 75 -10.10 -49.93 -9.21
N LYS A 76 -10.11 -48.87 -10.03
CA LYS A 76 -10.00 -49.04 -11.47
C LYS A 76 -8.56 -49.35 -11.89
N TYR A 77 -7.57 -48.82 -11.17
CA TYR A 77 -6.17 -49.03 -11.49
C TYR A 77 -5.51 -50.03 -10.55
N ALA A 78 -6.25 -51.05 -10.12
CA ALA A 78 -5.71 -52.02 -9.18
C ALA A 78 -4.70 -52.96 -9.84
N ASP A 79 -4.77 -53.13 -11.16
CA ASP A 79 -3.89 -54.03 -11.88
C ASP A 79 -3.02 -53.29 -12.90
N ARG A 80 -2.92 -51.97 -12.79
CA ARG A 80 -2.19 -51.16 -13.76
C ARG A 80 -0.76 -50.96 -13.26
N GLU A 81 0.11 -51.92 -13.58
CA GLU A 81 1.52 -51.77 -13.28
C GLU A 81 2.18 -50.69 -14.13
N ASP A 82 1.62 -50.40 -15.30
CA ASP A 82 2.21 -49.43 -16.21
C ASP A 82 1.99 -47.99 -15.78
N MET A 83 1.18 -47.75 -14.76
CA MET A 83 0.79 -46.40 -14.37
C MET A 83 1.50 -45.98 -13.09
N ILE A 84 2.12 -44.80 -13.14
CA ILE A 84 2.65 -44.12 -11.97
C ILE A 84 1.62 -43.08 -11.54
N ILE A 85 1.38 -42.99 -10.24
CA ILE A 85 0.34 -42.11 -9.70
C ILE A 85 0.90 -41.35 -8.51
N MET A 86 0.76 -40.03 -8.54
CA MET A 86 1.19 -39.15 -7.47
C MET A 86 -0.02 -38.49 -6.83
N PHE A 87 -0.13 -38.62 -5.52
CA PHE A 87 -1.22 -38.00 -4.75
C PHE A 87 -0.64 -36.87 -3.92
N VAL A 88 -1.19 -35.66 -4.10
CA VAL A 88 -0.78 -34.49 -3.36
C VAL A 88 -2.01 -33.69 -2.96
N ASP A 89 -1.84 -32.83 -1.97
CA ASP A 89 -2.89 -31.88 -1.61
C ASP A 89 -3.00 -30.80 -2.70
N SER A 90 -4.05 -30.00 -2.61
CA SER A 90 -4.30 -28.97 -3.60
C SER A 90 -4.37 -27.56 -3.04
N TYR A 91 -4.88 -27.39 -1.82
CA TYR A 91 -5.01 -26.04 -1.28
C TYR A 91 -3.65 -25.44 -0.91
N ASP A 92 -2.67 -26.27 -0.59
CA ASP A 92 -1.38 -25.79 -0.10
C ASP A 92 -0.24 -26.47 -0.82
N VAL A 93 -0.35 -26.63 -2.14
CA VAL A 93 0.67 -27.30 -2.93
C VAL A 93 0.79 -26.60 -4.27
N ILE A 94 2.03 -26.31 -4.68
CA ILE A 94 2.34 -25.82 -6.02
C ILE A 94 3.41 -26.72 -6.63
N LEU A 95 3.32 -26.91 -7.94
CA LEU A 95 4.23 -27.78 -8.66
C LEU A 95 5.36 -26.96 -9.28
N ALA A 96 6.60 -27.38 -9.03
CA ALA A 96 7.77 -26.65 -9.47
C ALA A 96 8.61 -27.38 -10.50
N GLY A 97 8.21 -28.59 -10.90
CA GLY A 97 9.00 -29.38 -11.81
C GLY A 97 8.13 -30.10 -12.83
N SER A 98 8.77 -30.47 -13.94
CA SER A 98 8.09 -31.11 -15.05
C SER A 98 7.82 -32.58 -14.73
N PRO A 99 6.89 -33.22 -15.46
CA PRO A 99 6.68 -34.65 -15.27
C PRO A 99 7.89 -35.49 -15.64
N THR A 100 8.65 -35.08 -16.65
CA THR A 100 9.84 -35.83 -17.06
C THR A 100 10.86 -35.86 -15.93
N GLU A 101 11.15 -34.70 -15.34
CA GLU A 101 12.06 -34.66 -14.20
C GLU A 101 11.49 -35.41 -13.01
N LEU A 102 10.16 -35.39 -12.85
CA LEU A 102 9.53 -36.06 -11.73
C LEU A 102 9.67 -37.57 -11.84
N LEU A 103 9.37 -38.12 -13.02
CA LEU A 103 9.50 -39.56 -13.21
C LEU A 103 10.96 -40.00 -13.12
N LYS A 104 11.87 -39.21 -13.70
CA LYS A 104 13.29 -39.55 -13.64
C LYS A 104 13.78 -39.66 -12.22
N LYS A 105 13.34 -38.74 -11.34
CA LYS A 105 13.76 -38.81 -9.95
C LYS A 105 13.08 -39.94 -9.21
N PHE A 106 11.86 -40.30 -9.61
CA PHE A 106 11.18 -41.43 -8.98
C PHE A 106 11.84 -42.75 -9.34
N VAL A 107 12.35 -42.87 -10.57
CA VAL A 107 13.06 -44.08 -10.96
C VAL A 107 14.37 -44.20 -10.19
N GLN A 108 15.09 -43.08 -10.04
CA GLN A 108 16.37 -43.10 -9.33
C GLN A 108 16.22 -43.50 -7.86
N SER A 109 15.03 -43.32 -7.29
CA SER A 109 14.84 -43.69 -5.89
C SER A 109 14.79 -45.20 -5.72
N GLY A 110 14.38 -45.94 -6.75
CA GLY A 110 14.25 -47.37 -6.64
C GLY A 110 13.15 -47.81 -5.70
N SER A 111 12.09 -47.02 -5.59
CA SER A 111 10.98 -47.31 -4.70
C SER A 111 9.71 -47.51 -5.51
N ARG A 112 8.82 -48.33 -4.98
CA ARG A 112 7.53 -48.57 -5.60
C ARG A 112 6.43 -47.66 -5.05
N LEU A 113 6.69 -46.99 -3.93
CA LEU A 113 5.75 -45.99 -3.40
C LEU A 113 6.56 -45.09 -2.48
N LEU A 114 6.87 -43.89 -2.95
CA LEU A 114 7.74 -42.95 -2.25
C LEU A 114 6.89 -41.88 -1.57
N PHE A 115 6.91 -41.85 -0.25
CA PHE A 115 6.21 -40.84 0.53
C PHE A 115 7.09 -39.61 0.73
N SER A 116 6.45 -38.52 1.14
CA SER A 116 7.19 -37.33 1.52
C SER A 116 7.68 -37.47 2.97
N ALA A 117 8.73 -36.71 3.28
CA ALA A 117 9.34 -36.74 4.60
C ALA A 117 9.32 -35.36 5.23
N GLU A 118 9.13 -35.31 6.55
CA GLU A 118 9.12 -34.06 7.29
C GLU A 118 9.95 -34.24 8.55
N SER A 119 9.98 -33.20 9.39
CA SER A 119 10.83 -33.19 10.57
C SER A 119 10.12 -33.63 11.84
N PHE A 120 8.80 -33.77 11.83
CA PHE A 120 8.03 -34.09 13.02
C PHE A 120 7.24 -35.38 12.78
N CYS A 121 7.11 -36.18 13.84
CA CYS A 121 6.30 -37.40 13.79
C CYS A 121 4.89 -37.01 14.21
N TRP A 122 4.03 -36.76 13.22
CA TRP A 122 2.67 -36.31 13.48
C TRP A 122 1.68 -37.38 13.03
N PRO A 123 0.62 -37.62 13.83
CA PRO A 123 0.29 -36.93 15.07
C PRO A 123 0.87 -37.56 16.33
N GLU A 124 1.09 -38.88 16.31
CA GLU A 124 1.61 -39.58 17.48
C GLU A 124 3.13 -39.45 17.51
N TRP A 125 3.64 -38.62 18.42
CA TRP A 125 5.08 -38.42 18.52
C TRP A 125 5.80 -39.63 19.10
N GLY A 126 5.08 -40.52 19.79
CA GLY A 126 5.72 -41.67 20.42
C GLY A 126 6.26 -42.69 19.45
N LEU A 127 5.76 -42.69 18.21
CA LEU A 127 6.21 -43.64 17.19
C LEU A 127 7.51 -43.23 16.53
N ALA A 128 8.20 -42.21 17.05
CA ALA A 128 9.43 -41.74 16.43
C ALA A 128 10.56 -42.75 16.52
N GLU A 129 10.46 -43.74 17.40
CA GLU A 129 11.55 -44.71 17.54
C GLU A 129 11.44 -45.82 16.49
N GLN A 130 10.22 -46.22 16.13
CA GLN A 130 10.03 -47.28 15.14
C GLN A 130 10.53 -46.89 13.76
N TYR A 131 10.71 -45.60 13.50
CA TYR A 131 11.23 -45.17 12.22
C TYR A 131 12.70 -45.59 12.07
N PRO A 132 13.14 -45.86 10.84
CA PRO A 132 14.57 -46.16 10.64
C PRO A 132 15.43 -44.94 10.85
N GLU A 133 16.68 -45.20 11.25
CA GLU A 133 17.64 -44.13 11.48
C GLU A 133 18.13 -43.56 10.16
N VAL A 134 17.97 -42.25 9.97
CA VAL A 134 18.54 -41.54 8.83
C VAL A 134 19.57 -40.56 9.36
N GLY A 135 20.69 -40.44 8.64
CA GLY A 135 21.80 -39.64 9.11
C GLY A 135 21.51 -38.15 9.20
N THR A 136 21.24 -37.52 8.07
CA THR A 136 21.08 -36.08 8.02
C THR A 136 19.79 -35.60 7.35
N GLY A 137 18.99 -36.51 6.78
CA GLY A 137 17.76 -36.13 6.12
C GLY A 137 16.57 -36.14 7.06
N LYS A 138 15.39 -35.94 6.48
CA LYS A 138 14.16 -35.98 7.23
C LYS A 138 13.79 -37.44 7.52
N ARG A 139 13.28 -37.69 8.73
CA ARG A 139 13.12 -39.05 9.22
C ARG A 139 11.70 -39.58 9.13
N PHE A 140 10.68 -38.74 9.32
CA PHE A 140 9.32 -39.21 9.51
C PHE A 140 8.50 -38.99 8.25
N LEU A 141 7.33 -39.63 8.22
CA LEU A 141 6.48 -39.68 7.04
C LEU A 141 5.48 -38.53 7.03
N ASN A 142 5.16 -38.05 5.84
CA ASN A 142 4.13 -37.04 5.64
C ASN A 142 3.21 -37.51 4.53
N SER A 143 1.92 -37.60 4.81
CA SER A 143 0.95 -38.11 3.85
C SER A 143 0.51 -37.05 2.84
N GLY A 144 1.04 -35.84 2.92
CA GLY A 144 0.61 -34.77 2.02
C GLY A 144 1.01 -34.98 0.58
N GLY A 145 1.95 -35.89 0.32
CA GLY A 145 2.39 -36.15 -1.03
C GLY A 145 3.18 -37.44 -1.17
N PHE A 146 2.71 -38.35 -2.01
CA PHE A 146 3.44 -39.57 -2.30
C PHE A 146 3.25 -39.92 -3.77
N ILE A 147 4.22 -40.67 -4.31
CA ILE A 147 4.18 -41.12 -5.69
C ILE A 147 4.61 -42.58 -5.74
N GLY A 148 3.96 -43.36 -6.59
CA GLY A 148 4.27 -44.77 -6.70
C GLY A 148 3.44 -45.42 -7.79
N PHE A 149 3.66 -46.72 -7.95
CA PHE A 149 2.94 -47.50 -8.94
C PHE A 149 1.47 -47.65 -8.53
N ALA A 150 0.60 -47.69 -9.54
CA ALA A 150 -0.84 -47.77 -9.26
C ALA A 150 -1.19 -49.06 -8.52
N THR A 151 -0.46 -50.15 -8.78
CA THR A 151 -0.74 -51.40 -8.08
C THR A 151 -0.28 -51.32 -6.62
N THR A 152 0.89 -50.74 -6.38
CA THR A 152 1.40 -50.66 -5.01
C THR A 152 0.55 -49.70 -4.17
N ILE A 153 0.07 -48.62 -4.78
CA ILE A 153 -0.81 -47.70 -4.07
C ILE A 153 -2.14 -48.36 -3.75
N HIS A 154 -2.69 -49.12 -4.70
CA HIS A 154 -3.96 -49.80 -4.47
C HIS A 154 -3.86 -50.79 -3.32
N GLN A 155 -2.72 -51.47 -3.20
CA GLN A 155 -2.54 -52.42 -2.10
C GLN A 155 -2.42 -51.72 -0.75
N ILE A 156 -2.18 -50.41 -0.74
CA ILE A 156 -2.09 -49.64 0.49
C ILE A 156 -3.42 -48.99 0.83
N VAL A 157 -4.02 -48.29 -0.14
CA VAL A 157 -5.25 -47.55 0.12
C VAL A 157 -6.47 -48.45 0.26
N ARG A 158 -6.37 -49.73 -0.10
CA ARG A 158 -7.51 -50.63 0.06
C ARG A 158 -7.73 -50.98 1.53
N GLN A 159 -6.68 -50.93 2.34
CA GLN A 159 -6.81 -51.30 3.76
C GLN A 159 -7.54 -50.24 4.58
N TRP A 160 -7.87 -49.09 3.99
CA TRP A 160 -8.53 -48.02 4.73
C TRP A 160 -9.99 -48.37 4.96
N LYS A 161 -10.38 -48.53 6.22
CA LYS A 161 -11.76 -48.79 6.61
C LYS A 161 -12.05 -48.05 7.92
N TYR A 162 -11.98 -46.72 7.87
CA TYR A 162 -12.11 -45.90 9.08
C TYR A 162 -13.04 -44.73 8.80
N LYS A 163 -13.29 -43.94 9.84
CA LYS A 163 -14.19 -42.80 9.74
C LYS A 163 -13.59 -41.72 8.85
N ASP A 164 -14.47 -40.85 8.34
CA ASP A 164 -14.04 -39.72 7.53
C ASP A 164 -13.21 -38.71 8.32
N ASP A 165 -13.37 -38.67 9.64
CA ASP A 165 -12.69 -37.70 10.49
C ASP A 165 -11.49 -38.30 11.20
N ASP A 166 -11.03 -39.47 10.78
CA ASP A 166 -9.82 -40.07 11.32
C ASP A 166 -8.60 -39.59 10.56
N ASP A 167 -7.47 -39.52 11.26
CA ASP A 167 -6.27 -38.95 10.68
C ASP A 167 -5.75 -39.83 9.54
N ASP A 168 -5.44 -39.21 8.42
CA ASP A 168 -4.95 -39.96 7.26
C ASP A 168 -3.46 -40.28 7.39
N GLN A 169 -2.67 -39.34 7.94
CA GLN A 169 -1.25 -39.59 8.08
C GLN A 169 -0.96 -40.69 9.09
N LEU A 170 -1.78 -40.81 10.14
CA LEU A 170 -1.61 -41.90 11.09
C LEU A 170 -1.85 -43.25 10.42
N PHE A 171 -2.73 -43.29 9.42
CA PHE A 171 -3.00 -44.53 8.70
C PHE A 171 -1.82 -44.92 7.83
N TYR A 172 -1.26 -43.97 7.08
CA TYR A 172 -0.10 -44.26 6.25
C TYR A 172 1.15 -44.52 7.08
N THR A 173 1.26 -43.90 8.25
CA THR A 173 2.44 -44.09 9.09
C THR A 173 2.51 -45.52 9.63
N ARG A 174 1.38 -46.03 10.14
CA ARG A 174 1.36 -47.38 10.70
C ARG A 174 1.64 -48.44 9.65
N LEU A 175 1.16 -48.21 8.42
CA LEU A 175 1.48 -49.14 7.35
C LEU A 175 2.95 -49.07 6.97
N TYR A 176 3.56 -47.88 7.03
CA TYR A 176 4.98 -47.77 6.76
C TYR A 176 5.81 -48.36 7.88
N LEU A 177 5.36 -48.22 9.13
CA LEU A 177 6.11 -48.73 10.27
C LEU A 177 6.07 -50.25 10.37
N ASP A 178 5.38 -50.93 9.46
CA ASP A 178 5.40 -52.39 9.41
C ASP A 178 6.68 -52.82 8.70
N PRO A 179 7.65 -53.38 9.43
CA PRO A 179 8.94 -53.70 8.79
C PRO A 179 8.81 -54.71 7.66
N GLY A 180 7.92 -55.69 7.81
CA GLY A 180 7.70 -56.64 6.74
C GLY A 180 7.05 -56.00 5.52
N LEU A 181 5.95 -55.28 5.74
CA LEU A 181 5.25 -54.63 4.63
C LEU A 181 6.11 -53.56 3.99
N ARG A 182 7.00 -52.92 4.76
CA ARG A 182 7.90 -51.92 4.20
C ARG A 182 8.87 -52.56 3.21
N GLU A 183 9.31 -53.80 3.50
CA GLU A 183 10.23 -54.48 2.61
C GLU A 183 9.51 -55.12 1.42
N LYS A 184 8.31 -55.65 1.65
CA LYS A 184 7.59 -56.36 0.59
C LYS A 184 7.21 -55.43 -0.55
N LEU A 185 6.52 -54.33 -0.24
CA LEU A 185 6.03 -53.40 -1.25
C LEU A 185 7.05 -52.34 -1.63
N SER A 186 8.22 -52.32 -0.97
CA SER A 186 9.28 -51.34 -1.24
C SER A 186 8.78 -49.92 -1.02
N LEU A 187 8.55 -49.60 0.24
CA LEU A 187 8.13 -48.28 0.67
C LEU A 187 9.33 -47.48 1.15
N ASN A 188 9.37 -46.20 0.79
CA ASN A 188 10.50 -45.35 1.16
C ASN A 188 10.01 -43.93 1.40
N LEU A 189 10.87 -43.13 2.04
CA LEU A 189 10.61 -41.74 2.33
C LEU A 189 11.63 -40.86 1.62
N ASP A 190 11.15 -39.79 0.99
CA ASP A 190 12.04 -38.85 0.31
C ASP A 190 12.76 -38.02 1.37
N HIS A 191 13.86 -38.58 1.89
CA HIS A 191 14.51 -38.01 3.06
C HIS A 191 15.13 -36.65 2.74
N LYS A 192 15.85 -36.54 1.63
CA LYS A 192 16.58 -35.33 1.29
C LYS A 192 15.80 -34.40 0.37
N SER A 193 14.48 -34.59 0.27
CA SER A 193 13.60 -33.67 -0.44
C SER A 193 13.99 -33.52 -1.91
N ARG A 194 14.22 -34.65 -2.57
CA ARG A 194 14.50 -34.63 -4.00
C ARG A 194 13.25 -34.44 -4.84
N ILE A 195 12.08 -34.80 -4.33
CA ILE A 195 10.81 -34.67 -5.03
C ILE A 195 9.82 -33.83 -4.24
N PHE A 196 9.63 -34.15 -2.97
CA PHE A 196 8.66 -33.47 -2.12
C PHE A 196 9.38 -32.56 -1.15
N GLN A 197 8.90 -31.32 -1.03
CA GLN A 197 9.46 -30.34 -0.10
C GLN A 197 8.35 -29.89 0.84
N ASN A 198 8.38 -30.38 2.08
CA ASN A 198 7.48 -29.92 3.12
C ASN A 198 8.12 -28.75 3.85
N LEU A 199 7.37 -27.66 4.01
CA LEU A 199 7.93 -26.42 4.53
C LEU A 199 8.02 -26.40 6.04
N ASN A 200 7.07 -27.03 6.73
CA ASN A 200 7.05 -26.99 8.19
C ASN A 200 8.28 -27.70 8.75
N GLY A 201 9.06 -26.99 9.55
CA GLY A 201 10.28 -27.52 10.10
C GLY A 201 11.50 -27.40 9.22
N ALA A 202 11.36 -26.82 8.03
CA ALA A 202 12.46 -26.65 7.10
C ALA A 202 12.32 -25.34 6.33
N LEU A 203 11.97 -24.26 7.04
CA LEU A 203 11.76 -22.98 6.37
C LEU A 203 13.08 -22.37 5.92
N ASP A 204 14.10 -22.41 6.78
CA ASP A 204 15.39 -21.86 6.42
C ASP A 204 16.10 -22.67 5.34
N GLU A 205 15.64 -23.89 5.06
CA GLU A 205 16.27 -24.72 4.04
C GLU A 205 15.83 -24.36 2.63
N VAL A 206 14.73 -23.62 2.47
CA VAL A 206 14.14 -23.36 1.17
C VAL A 206 14.46 -21.93 0.75
N VAL A 207 14.96 -21.76 -0.46
CA VAL A 207 15.17 -20.46 -1.07
C VAL A 207 14.66 -20.53 -2.50
N LEU A 208 14.46 -19.36 -3.10
CA LEU A 208 14.04 -19.28 -4.48
C LEU A 208 15.24 -19.41 -5.41
N LYS A 209 15.01 -19.98 -6.58
CA LYS A 209 16.02 -20.08 -7.62
C LYS A 209 15.42 -19.57 -8.92
N PHE A 210 15.91 -18.43 -9.40
CA PHE A 210 15.31 -17.76 -10.55
C PHE A 210 15.92 -18.26 -11.85
N ASP A 211 15.12 -18.18 -12.90
CA ASP A 211 15.57 -18.46 -14.25
C ASP A 211 15.01 -17.37 -15.16
N ARG A 212 15.20 -17.53 -16.47
CA ARG A 212 14.80 -16.47 -17.40
C ARG A 212 13.29 -16.32 -17.44
N ASN A 213 12.56 -17.44 -17.53
CA ASN A 213 11.11 -17.40 -17.69
C ASN A 213 10.38 -18.36 -16.74
N ARG A 214 11.03 -18.78 -15.67
CA ARG A 214 10.35 -19.55 -14.63
C ARG A 214 11.20 -19.51 -13.37
N VAL A 215 10.60 -19.90 -12.25
CA VAL A 215 11.26 -19.88 -10.95
C VAL A 215 11.02 -21.22 -10.27
N ARG A 216 12.04 -21.71 -9.55
CA ARG A 216 11.91 -22.92 -8.76
C ARG A 216 12.33 -22.65 -7.33
N ILE A 217 12.43 -23.69 -6.52
CA ILE A 217 12.97 -23.58 -5.17
C ILE A 217 14.15 -24.53 -5.05
N ARG A 218 15.08 -24.19 -4.16
CA ARG A 218 16.25 -25.01 -3.89
C ARG A 218 16.34 -25.28 -2.39
N ASN A 219 16.68 -26.51 -2.05
CA ASN A 219 16.90 -26.89 -0.66
C ASN A 219 18.40 -26.82 -0.40
N VAL A 220 18.86 -25.69 0.15
CA VAL A 220 20.27 -25.47 0.37
C VAL A 220 20.88 -26.43 1.39
N ALA A 221 20.06 -27.16 2.14
CA ALA A 221 20.59 -28.14 3.08
C ALA A 221 20.99 -29.44 2.40
N TYR A 222 20.29 -29.83 1.34
CA TYR A 222 20.60 -31.03 0.59
C TYR A 222 20.96 -30.75 -0.87
N ASP A 223 20.91 -29.49 -1.29
CA ASP A 223 21.24 -29.08 -2.66
C ASP A 223 20.42 -29.87 -3.68
N THR A 224 19.10 -29.75 -3.54
CA THR A 224 18.15 -30.40 -4.42
C THR A 224 17.18 -29.38 -4.97
N LEU A 225 16.50 -29.74 -6.06
CA LEU A 225 15.48 -28.91 -6.69
C LEU A 225 14.16 -29.66 -6.66
N PRO A 226 13.40 -29.53 -5.58
CA PRO A 226 12.19 -30.35 -5.43
C PRO A 226 11.14 -30.04 -6.49
N ILE A 227 10.18 -30.96 -6.61
CA ILE A 227 9.10 -30.83 -7.58
C ILE A 227 7.81 -30.36 -6.91
N VAL A 228 7.49 -30.88 -5.74
CA VAL A 228 6.25 -30.57 -5.04
C VAL A 228 6.60 -29.70 -3.84
N VAL A 229 6.00 -28.51 -3.78
CA VAL A 229 6.17 -27.59 -2.66
C VAL A 229 4.88 -27.65 -1.84
N HIS A 230 4.98 -28.15 -0.60
CA HIS A 230 3.82 -28.38 0.24
C HIS A 230 3.92 -27.48 1.48
N GLY A 231 2.97 -26.56 1.62
CA GLY A 231 2.94 -25.68 2.77
C GLY A 231 2.12 -26.26 3.90
N ASN A 232 2.60 -27.36 4.49
CA ASN A 232 1.85 -28.04 5.54
C ASN A 232 1.95 -27.28 6.85
N GLY A 233 0.86 -27.31 7.61
CA GLY A 233 0.84 -26.73 8.93
C GLY A 233 0.83 -25.21 8.91
N PRO A 234 1.61 -24.60 9.82
CA PRO A 234 1.61 -23.14 9.92
C PRO A 234 2.54 -22.46 8.93
N THR A 235 2.57 -22.96 7.69
CA THR A 235 3.43 -22.39 6.66
C THR A 235 2.64 -21.99 5.42
N LYS A 236 1.34 -21.73 5.57
CA LYS A 236 0.52 -21.36 4.42
C LYS A 236 0.93 -20.01 3.86
N LEU A 237 1.32 -19.08 4.74
CA LEU A 237 1.75 -17.77 4.27
C LEU A 237 3.10 -17.85 3.56
N GLN A 238 4.02 -18.64 4.10
CA GLN A 238 5.31 -18.82 3.45
C GLN A 238 5.16 -19.44 2.06
N LEU A 239 4.10 -20.23 1.86
CA LEU A 239 3.84 -20.77 0.53
C LEU A 239 3.22 -19.72 -0.39
N ASN A 240 2.38 -18.84 0.16
CA ASN A 240 1.85 -17.74 -0.64
C ASN A 240 2.96 -16.84 -1.16
N TYR A 241 4.02 -16.68 -0.38
CA TYR A 241 5.18 -15.92 -0.85
C TYR A 241 5.84 -16.61 -2.04
N LEU A 242 6.18 -17.89 -1.88
CA LEU A 242 6.78 -18.64 -2.98
C LEU A 242 5.82 -18.76 -4.16
N GLY A 243 4.52 -18.87 -3.90
CA GLY A 243 3.54 -18.99 -4.96
C GLY A 243 3.45 -17.77 -5.85
N ASN A 244 3.95 -16.62 -5.38
CA ASN A 244 3.97 -15.42 -6.21
C ASN A 244 4.98 -15.52 -7.35
N TYR A 245 5.94 -16.44 -7.24
CA TYR A 245 6.93 -16.65 -8.28
C TYR A 245 6.82 -18.03 -8.91
N VAL A 246 6.99 -19.09 -8.12
CA VAL A 246 6.98 -20.46 -8.61
C VAL A 246 5.59 -20.88 -9.09
N PRO A 247 5.50 -21.43 -10.31
CA PRO A 247 6.60 -21.60 -11.26
C PRO A 247 6.75 -20.42 -12.22
N ASN A 248 5.63 -19.83 -12.67
CA ASN A 248 5.68 -18.69 -13.56
C ASN A 248 4.87 -17.52 -13.00
N GLY A 249 4.87 -17.36 -11.67
CA GLY A 249 4.16 -16.25 -11.07
C GLY A 249 4.78 -14.91 -11.38
N TRP A 250 6.10 -14.84 -11.34
CA TRP A 250 6.83 -13.64 -11.71
C TRP A 250 8.21 -14.05 -12.21
N THR A 251 8.60 -13.53 -13.37
CA THR A 251 9.86 -13.88 -13.99
C THR A 251 10.65 -12.62 -14.31
N PRO A 252 11.98 -12.68 -14.21
CA PRO A 252 12.79 -11.48 -14.48
C PRO A 252 12.68 -10.98 -15.90
N GLU A 253 12.34 -11.82 -16.87
CA GLU A 253 12.26 -11.41 -18.27
C GLU A 253 10.84 -11.16 -18.73
N GLY A 254 9.87 -11.94 -18.27
CA GLY A 254 8.49 -11.80 -18.66
C GLY A 254 7.60 -11.09 -17.65
N GLY A 255 8.16 -10.64 -16.53
CA GLY A 255 7.33 -10.02 -15.51
C GLY A 255 6.42 -11.03 -14.85
N CYS A 256 5.39 -10.52 -14.18
CA CYS A 256 4.40 -11.39 -13.58
C CYS A 256 3.63 -12.14 -14.67
N GLY A 257 2.97 -13.23 -14.27
CA GLY A 257 2.34 -14.11 -15.23
C GLY A 257 0.83 -14.11 -15.23
N PHE A 258 0.21 -13.65 -14.14
CA PHE A 258 -1.24 -13.66 -14.02
C PHE A 258 -1.86 -12.28 -13.89
N CYS A 259 -1.07 -11.25 -13.57
CA CYS A 259 -1.56 -9.89 -13.56
C CYS A 259 -2.05 -9.48 -14.95
N ASN A 260 -2.78 -8.37 -15.00
CA ASN A 260 -3.25 -7.86 -16.29
C ASN A 260 -2.14 -7.17 -17.06
N GLN A 261 -1.18 -6.56 -16.37
CA GLN A 261 -0.10 -5.81 -17.00
C GLN A 261 -0.65 -4.75 -17.94
N ASP A 262 -0.58 -5.01 -19.25
CA ASP A 262 -1.15 -4.08 -20.22
C ASP A 262 -2.67 -4.14 -20.16
N ARG A 263 -3.30 -3.01 -19.88
CA ARG A 263 -4.76 -2.94 -19.80
C ARG A 263 -5.39 -2.94 -21.19
N GLN A 270 -22.86 -2.04 -22.25
CA GLN A 270 -21.55 -1.66 -21.75
C GLN A 270 -21.60 -0.87 -20.44
N PRO A 271 -21.97 -1.53 -19.34
CA PRO A 271 -22.00 -0.85 -18.04
C PRO A 271 -20.93 -1.39 -17.11
N PRO A 272 -20.28 -0.54 -16.34
CA PRO A 272 -19.35 -1.01 -15.31
C PRO A 272 -20.13 -1.50 -14.09
N PRO A 273 -19.50 -2.30 -13.24
CA PRO A 273 -20.20 -2.77 -12.03
C PRO A 273 -20.51 -1.63 -11.07
N ARG A 274 -21.55 -1.85 -10.27
CA ARG A 274 -21.91 -0.90 -9.24
C ARG A 274 -21.02 -1.08 -8.02
N VAL A 275 -20.58 0.04 -7.45
CA VAL A 275 -19.57 0.05 -6.39
C VAL A 275 -20.12 0.77 -5.17
N PHE A 276 -19.77 0.27 -3.99
CA PHE A 276 -20.06 0.92 -2.71
C PHE A 276 -18.75 1.49 -2.19
N LEU A 277 -18.57 2.81 -2.34
CA LEU A 277 -17.38 3.49 -1.86
C LEU A 277 -17.56 3.85 -0.38
N ALA A 278 -16.60 3.47 0.45
CA ALA A 278 -16.67 3.71 1.89
C ALA A 278 -15.42 4.45 2.33
N VAL A 279 -15.59 5.71 2.73
CA VAL A 279 -14.50 6.55 3.21
C VAL A 279 -14.53 6.54 4.74
N PHE A 280 -13.34 6.48 5.35
CA PHE A 280 -13.22 6.44 6.80
C PHE A 280 -12.26 7.50 7.27
N VAL A 281 -12.69 8.33 8.21
CA VAL A 281 -11.88 9.38 8.80
C VAL A 281 -11.82 9.09 10.30
N GLU A 282 -10.85 8.28 10.71
CA GLU A 282 -10.78 7.82 12.10
C GLU A 282 -9.74 8.58 12.91
N GLN A 283 -9.16 9.63 12.35
CA GLN A 283 -8.18 10.44 13.06
C GLN A 283 -8.10 11.80 12.37
N PRO A 284 -7.66 12.84 13.09
CA PRO A 284 -7.43 14.13 12.43
C PRO A 284 -6.43 13.98 11.29
N THR A 285 -6.90 14.19 10.06
CA THR A 285 -6.12 13.94 8.87
C THR A 285 -5.85 15.24 8.12
N PRO A 286 -4.59 15.50 7.75
CA PRO A 286 -4.30 16.70 6.96
C PRO A 286 -4.89 16.61 5.56
N PHE A 287 -5.20 17.79 5.01
CA PHE A 287 -5.63 17.94 3.62
C PHE A 287 -6.92 17.17 3.35
N LEU A 288 -7.80 17.11 4.35
CA LEU A 288 -9.07 16.42 4.14
C LEU A 288 -9.95 17.14 3.12
N PRO A 289 -10.06 18.47 3.12
CA PRO A 289 -10.80 19.12 2.03
C PRO A 289 -10.25 18.81 0.65
N ARG A 290 -8.94 18.57 0.55
CA ARG A 290 -8.36 18.16 -0.73
C ARG A 290 -8.76 16.73 -1.07
N PHE A 291 -8.87 15.87 -0.05
CA PHE A 291 -9.30 14.50 -0.28
C PHE A 291 -10.76 14.46 -0.72
N LEU A 292 -11.62 15.26 -0.08
CA LEU A 292 -13.04 15.26 -0.44
C LEU A 292 -13.27 15.84 -1.82
N GLN A 293 -12.44 16.81 -2.25
CA GLN A 293 -12.55 17.32 -3.61
C GLN A 293 -12.05 16.32 -4.63
N ARG A 294 -11.18 15.39 -4.23
CA ARG A 294 -10.67 14.38 -5.14
C ARG A 294 -11.66 13.27 -5.40
N LEU A 295 -12.58 13.01 -4.46
CA LEU A 295 -13.61 11.99 -4.68
C LEU A 295 -14.48 12.32 -5.89
N LEU A 296 -14.62 13.61 -6.21
CA LEU A 296 -15.37 13.99 -7.40
C LEU A 296 -14.60 13.75 -8.68
N LEU A 297 -13.29 13.49 -8.60
CA LEU A 297 -12.44 13.38 -9.77
C LEU A 297 -12.07 11.94 -10.12
N LEU A 298 -12.48 10.96 -9.31
CA LEU A 298 -12.19 9.57 -9.62
C LEU A 298 -12.84 9.18 -10.93
N ASP A 299 -12.04 8.61 -11.83
CA ASP A 299 -12.51 8.27 -13.18
C ASP A 299 -13.32 6.99 -13.11
N TYR A 300 -14.61 7.15 -12.84
CA TYR A 300 -15.58 6.08 -12.77
C TYR A 300 -16.98 6.71 -12.79
N PRO A 301 -17.91 6.17 -13.56
CA PRO A 301 -19.25 6.77 -13.63
C PRO A 301 -19.87 6.91 -12.27
N PRO A 302 -20.08 8.14 -11.79
CA PRO A 302 -20.55 8.33 -10.41
C PRO A 302 -21.96 7.83 -10.18
N ASP A 303 -22.80 7.76 -11.21
CA ASP A 303 -24.14 7.20 -11.06
C ASP A 303 -24.13 5.72 -10.70
N ARG A 304 -22.97 5.07 -10.77
CA ARG A 304 -22.83 3.68 -10.38
C ARG A 304 -22.13 3.52 -9.03
N VAL A 305 -21.90 4.61 -8.31
CA VAL A 305 -21.17 4.59 -7.05
C VAL A 305 -22.08 5.08 -5.94
N THR A 306 -22.10 4.35 -4.83
CA THR A 306 -22.85 4.71 -3.64
C THR A 306 -21.84 5.06 -2.54
N LEU A 307 -21.89 6.28 -2.04
CA LEU A 307 -20.88 6.79 -1.14
C LEU A 307 -21.30 6.58 0.32
N PHE A 308 -20.39 6.02 1.11
CA PHE A 308 -20.51 5.96 2.55
C PHE A 308 -19.32 6.69 3.16
N LEU A 309 -19.56 7.45 4.21
CA LEU A 309 -18.50 8.21 4.85
C LEU A 309 -18.73 8.20 6.36
N HIS A 310 -17.74 7.73 7.11
CA HIS A 310 -17.77 7.77 8.56
C HIS A 310 -16.70 8.73 9.06
N ASN A 311 -17.12 9.81 9.70
CA ASN A 311 -16.23 10.81 10.27
C ASN A 311 -16.33 10.73 11.79
N ASN A 312 -15.23 10.35 12.44
CA ASN A 312 -15.20 10.21 13.88
C ASN A 312 -14.65 11.45 14.59
N GLU A 313 -14.15 12.43 13.85
CA GLU A 313 -13.51 13.61 14.44
C GLU A 313 -14.40 14.82 14.26
N VAL A 314 -14.66 15.53 15.36
CA VAL A 314 -15.43 16.76 15.29
C VAL A 314 -14.65 17.87 14.58
N PHE A 315 -13.32 17.74 14.52
CA PHE A 315 -12.51 18.71 13.80
C PHE A 315 -12.80 18.73 12.31
N HIS A 316 -13.33 17.63 11.77
CA HIS A 316 -13.59 17.54 10.34
C HIS A 316 -15.07 17.75 9.98
N GLU A 317 -15.94 17.93 10.97
CA GLU A 317 -17.34 18.19 10.66
C GLU A 317 -17.54 19.41 9.75
N PRO A 318 -16.88 20.55 9.95
CA PRO A 318 -17.00 21.63 8.96
C PRO A 318 -16.45 21.25 7.60
N HIS A 319 -15.40 20.43 7.55
CA HIS A 319 -14.84 20.02 6.26
C HIS A 319 -15.83 19.13 5.50
N ILE A 320 -16.46 18.18 6.20
CA ILE A 320 -17.43 17.31 5.54
C ILE A 320 -18.65 18.10 5.10
N ALA A 321 -19.09 19.06 5.93
CA ALA A 321 -20.28 19.83 5.60
C ALA A 321 -20.07 20.70 4.37
N ASP A 322 -18.86 21.24 4.19
CA ASP A 322 -18.60 22.07 3.02
C ASP A 322 -18.66 21.26 1.73
N SER A 323 -18.23 20.00 1.78
CA SER A 323 -18.16 19.18 0.58
C SER A 323 -19.43 18.39 0.31
N TRP A 324 -20.30 18.22 1.31
CA TRP A 324 -21.44 17.32 1.17
C TRP A 324 -22.43 17.75 0.09
N PRO A 325 -22.78 19.03 -0.09
CA PRO A 325 -23.65 19.38 -1.22
C PRO A 325 -23.11 18.94 -2.57
N GLN A 326 -21.79 18.93 -2.74
CA GLN A 326 -21.21 18.49 -4.00
C GLN A 326 -21.18 16.97 -4.11
N LEU A 327 -20.95 16.29 -2.98
CA LEU A 327 -20.93 14.83 -2.99
C LEU A 327 -22.32 14.26 -3.25
N GLN A 328 -23.34 14.79 -2.56
CA GLN A 328 -24.69 14.29 -2.74
C GLN A 328 -25.19 14.50 -4.17
N ASP A 329 -24.77 15.59 -4.81
CA ASP A 329 -25.19 15.86 -6.18
C ASP A 329 -24.38 15.08 -7.20
N HIS A 330 -23.25 14.50 -6.80
CA HIS A 330 -22.36 13.81 -7.72
C HIS A 330 -22.67 12.31 -7.79
N PHE A 331 -22.63 11.63 -6.66
CA PHE A 331 -22.82 10.18 -6.63
C PHE A 331 -24.30 9.82 -6.69
N SER A 332 -24.56 8.53 -6.91
CA SER A 332 -25.93 8.05 -6.98
C SER A 332 -26.62 8.18 -5.62
N ALA A 333 -25.93 7.81 -4.56
CA ALA A 333 -26.47 7.92 -3.21
C ALA A 333 -25.33 8.18 -2.24
N VAL A 334 -25.63 8.91 -1.17
CA VAL A 334 -24.64 9.24 -0.16
C VAL A 334 -25.25 8.98 1.22
N LYS A 335 -24.36 8.85 2.21
CA LYS A 335 -24.78 8.63 3.58
C LYS A 335 -23.62 8.97 4.51
N LEU A 336 -23.88 9.81 5.50
CA LEU A 336 -22.87 10.25 6.45
C LEU A 336 -23.20 9.72 7.83
N VAL A 337 -22.18 9.23 8.52
CA VAL A 337 -22.29 8.78 9.91
C VAL A 337 -21.26 9.59 10.69
N GLY A 338 -21.70 10.69 11.29
CA GLY A 338 -20.81 11.62 11.95
C GLY A 338 -20.36 11.17 13.32
N PRO A 339 -19.70 12.07 14.05
CA PRO A 339 -19.13 11.71 15.36
C PRO A 339 -20.18 11.52 16.44
N GLU A 340 -21.42 11.95 16.23
CA GLU A 340 -22.44 11.86 17.27
C GLU A 340 -22.89 10.42 17.50
N GLU A 341 -22.71 9.53 16.52
CA GLU A 341 -23.07 8.13 16.70
C GLU A 341 -22.12 7.39 17.63
N ALA A 342 -20.95 7.96 17.93
CA ALA A 342 -19.98 7.36 18.84
C ALA A 342 -19.58 5.95 18.38
N LEU A 343 -19.30 5.83 17.09
CA LEU A 343 -18.93 4.55 16.50
C LEU A 343 -17.42 4.37 16.53
N SER A 344 -16.97 3.23 17.04
CA SER A 344 -15.56 2.89 17.02
C SER A 344 -15.14 2.53 15.60
N PRO A 345 -13.84 2.58 15.30
CA PRO A 345 -13.40 2.21 13.94
C PRO A 345 -13.83 0.81 13.51
N GLY A 346 -13.83 -0.16 14.44
CA GLY A 346 -14.27 -1.49 14.08
C GLY A 346 -15.75 -1.56 13.76
N GLU A 347 -16.58 -0.88 14.54
CA GLU A 347 -18.02 -0.89 14.30
C GLU A 347 -18.39 -0.15 13.03
N ALA A 348 -17.63 0.87 12.66
CA ALA A 348 -17.95 1.64 11.46
C ALA A 348 -17.60 0.86 10.20
N ARG A 349 -16.47 0.14 10.23
CA ARG A 349 -16.07 -0.65 9.07
C ARG A 349 -16.95 -1.88 8.90
N ASP A 350 -17.44 -2.46 10.01
CA ASP A 350 -18.41 -3.54 9.91
C ASP A 350 -19.70 -3.04 9.27
N MET A 351 -20.17 -1.86 9.68
CA MET A 351 -21.42 -1.32 9.17
C MET A 351 -21.31 -1.00 7.68
N ALA A 352 -20.20 -0.36 7.27
CA ALA A 352 -20.04 0.01 5.87
C ALA A 352 -19.95 -1.22 4.97
N MET A 353 -19.20 -2.23 5.42
CA MET A 353 -19.06 -3.45 4.63
C MET A 353 -20.37 -4.24 4.60
N ASP A 354 -21.09 -4.25 5.71
CA ASP A 354 -22.35 -4.99 5.76
C ASP A 354 -23.43 -4.33 4.91
N LEU A 355 -23.33 -3.02 4.69
CA LEU A 355 -24.28 -2.35 3.81
C LEU A 355 -24.13 -2.81 2.37
N CYS A 356 -22.92 -3.24 1.98
CA CYS A 356 -22.73 -3.82 0.65
C CYS A 356 -23.10 -5.29 0.63
N ARG A 357 -22.81 -6.00 1.72
CA ARG A 357 -23.12 -7.43 1.79
C ARG A 357 -24.62 -7.67 1.65
N GLN A 358 -25.44 -6.87 2.35
CA GLN A 358 -26.88 -7.06 2.36
C GLN A 358 -27.58 -6.42 1.17
N ASP A 359 -26.84 -5.90 0.20
CA ASP A 359 -27.42 -5.31 -1.00
C ASP A 359 -26.97 -6.12 -2.20
N PRO A 360 -27.88 -6.84 -2.88
CA PRO A 360 -27.46 -7.62 -4.06
C PRO A 360 -27.00 -6.77 -5.23
N GLU A 361 -27.24 -5.46 -5.21
CA GLU A 361 -26.78 -4.59 -6.28
C GLU A 361 -25.37 -4.09 -6.07
N CYS A 362 -24.76 -4.36 -4.91
CA CYS A 362 -23.37 -3.98 -4.65
C CYS A 362 -22.47 -5.06 -5.24
N GLU A 363 -21.85 -4.77 -6.38
CA GLU A 363 -21.02 -5.80 -7.01
C GLU A 363 -19.59 -5.75 -6.50
N PHE A 364 -19.10 -4.57 -6.13
CA PHE A 364 -17.75 -4.40 -5.59
C PHE A 364 -17.79 -3.41 -4.43
N TYR A 365 -16.92 -3.65 -3.45
CA TYR A 365 -16.82 -2.82 -2.26
C TYR A 365 -15.44 -2.18 -2.22
N PHE A 366 -15.39 -0.86 -2.13
CA PHE A 366 -14.16 -0.09 -2.18
C PHE A 366 -14.01 0.68 -0.88
N SER A 367 -13.18 0.18 0.02
CA SER A 367 -12.84 0.90 1.25
C SER A 367 -11.62 1.79 0.98
N LEU A 368 -11.66 3.01 1.51
CA LEU A 368 -10.62 3.99 1.24
C LEU A 368 -10.50 4.91 2.44
N ASP A 369 -9.39 4.81 3.17
CA ASP A 369 -9.21 5.65 4.34
C ASP A 369 -8.84 7.08 3.93
N ALA A 370 -8.86 7.98 4.92
CA ALA A 370 -8.63 9.39 4.65
C ALA A 370 -7.17 9.68 4.35
N ASP A 371 -6.24 8.97 5.00
CA ASP A 371 -4.82 9.19 4.79
C ASP A 371 -4.29 8.57 3.50
N ALA A 372 -5.17 8.14 2.60
CA ALA A 372 -4.76 7.58 1.32
C ALA A 372 -5.00 8.62 0.24
N VAL A 373 -3.95 8.95 -0.51
CA VAL A 373 -4.03 9.94 -1.58
C VAL A 373 -3.92 9.20 -2.90
N LEU A 374 -4.99 9.20 -3.68
CA LEU A 374 -5.04 8.47 -4.94
C LEU A 374 -4.60 9.42 -6.05
N THR A 375 -3.33 9.32 -6.44
CA THR A 375 -2.85 10.12 -7.56
C THR A 375 -3.37 9.59 -8.89
N ASN A 376 -3.54 8.28 -9.00
CA ASN A 376 -4.09 7.66 -10.21
C ASN A 376 -5.62 7.72 -10.13
N LEU A 377 -6.23 8.49 -11.03
CA LEU A 377 -7.68 8.63 -11.02
C LEU A 377 -8.40 7.40 -11.55
N GLN A 378 -7.68 6.45 -12.15
CA GLN A 378 -8.27 5.21 -12.64
C GLN A 378 -8.01 4.03 -11.72
N THR A 379 -7.82 4.29 -10.42
CA THR A 379 -7.51 3.22 -9.49
C THR A 379 -8.67 2.23 -9.37
N LEU A 380 -9.90 2.73 -9.30
CA LEU A 380 -11.05 1.85 -9.11
C LEU A 380 -11.21 0.90 -10.29
N ARG A 381 -11.01 1.38 -11.51
CA ARG A 381 -11.09 0.51 -12.68
C ARG A 381 -9.98 -0.54 -12.66
N ILE A 382 -8.74 -0.09 -12.46
CA ILE A 382 -7.58 -0.98 -12.52
C ILE A 382 -7.75 -2.18 -11.60
N LEU A 383 -8.23 -1.94 -10.39
CA LEU A 383 -8.38 -3.03 -9.43
C LEU A 383 -9.56 -3.94 -9.79
N ILE A 384 -10.57 -3.40 -10.47
CA ILE A 384 -11.72 -4.22 -10.87
C ILE A 384 -11.36 -5.10 -12.06
N GLU A 385 -10.56 -4.56 -13.00
CA GLU A 385 -10.15 -5.35 -14.15
C GLU A 385 -9.26 -6.52 -13.76
N GLU A 386 -8.56 -6.41 -12.62
CA GLU A 386 -7.72 -7.52 -12.16
C GLU A 386 -8.53 -8.74 -11.78
N ASN A 387 -9.83 -8.58 -11.53
CA ASN A 387 -10.74 -9.71 -11.29
C ASN A 387 -10.26 -10.58 -10.14
N ARG A 388 -10.09 -9.96 -8.98
CA ARG A 388 -9.67 -10.65 -7.77
C ARG A 388 -10.77 -10.60 -6.74
N LYS A 389 -10.62 -11.40 -5.69
CA LYS A 389 -11.57 -11.34 -4.58
C LYS A 389 -11.28 -10.14 -3.68
N VAL A 390 -10.03 -10.02 -3.23
CA VAL A 390 -9.60 -8.91 -2.38
C VAL A 390 -8.26 -8.42 -2.93
N ILE A 391 -8.27 -7.24 -3.56
CA ILE A 391 -7.06 -6.64 -4.10
C ILE A 391 -6.93 -5.23 -3.57
N ALA A 392 -5.68 -4.80 -3.37
CA ALA A 392 -5.38 -3.50 -2.79
C ALA A 392 -4.31 -2.78 -3.61
N PRO A 393 -4.46 -1.47 -3.82
CA PRO A 393 -3.41 -0.73 -4.51
C PRO A 393 -2.28 -0.36 -3.57
N MET A 394 -1.05 -0.42 -4.07
CA MET A 394 0.11 -0.17 -3.23
C MET A 394 0.30 1.33 -3.04
N LEU A 395 0.30 1.76 -1.78
CA LEU A 395 0.49 3.16 -1.43
C LEU A 395 1.61 3.22 -0.41
N SER A 396 2.65 3.99 -0.71
CA SER A 396 3.81 4.12 0.16
C SER A 396 3.95 5.54 0.66
N ARG A 397 4.43 5.68 1.89
CA ARG A 397 4.82 6.98 2.39
C ARG A 397 5.93 7.56 1.51
N HIS A 398 5.82 8.84 1.19
CA HIS A 398 6.72 9.45 0.22
C HIS A 398 8.16 9.39 0.71
N GLY A 399 9.01 8.68 -0.03
CA GLY A 399 10.41 8.60 0.29
C GLY A 399 10.77 7.66 1.41
N LYS A 400 9.87 6.76 1.81
CA LYS A 400 10.14 5.82 2.87
C LYS A 400 9.65 4.44 2.45
N LEU A 401 9.94 3.44 3.29
CA LEU A 401 9.50 2.07 3.04
C LEU A 401 8.13 1.77 3.62
N TRP A 402 7.63 2.60 4.54
CA TRP A 402 6.31 2.38 5.12
C TRP A 402 5.25 2.41 4.02
N SER A 403 4.37 1.41 4.03
CA SER A 403 3.34 1.30 3.02
C SER A 403 2.11 0.63 3.62
N ASN A 404 1.11 0.38 2.78
CA ASN A 404 -0.20 -0.11 3.20
C ASN A 404 -0.29 -1.63 3.17
N PHE A 405 0.81 -2.35 3.36
CA PHE A 405 0.76 -3.81 3.34
C PHE A 405 1.96 -4.36 4.10
N TRP A 406 1.82 -5.62 4.51
CA TRP A 406 2.90 -6.35 5.14
C TRP A 406 3.38 -7.47 4.21
N GLY A 407 4.66 -7.77 4.29
CA GLY A 407 5.23 -8.81 3.46
C GLY A 407 5.20 -10.17 4.12
N ALA A 408 5.18 -10.18 5.45
CA ALA A 408 5.17 -11.42 6.21
C ALA A 408 4.63 -11.12 7.61
N LEU A 409 4.57 -12.16 8.43
CA LEU A 409 4.11 -12.04 9.81
C LEU A 409 5.13 -12.63 10.75
N SER A 410 5.15 -12.12 11.97
CA SER A 410 5.95 -12.69 13.04
C SER A 410 5.22 -13.88 13.64
N PRO A 411 5.89 -14.69 14.46
CA PRO A 411 5.19 -15.77 15.15
C PRO A 411 3.98 -15.30 15.96
N ASP A 412 3.98 -14.06 16.41
CA ASP A 412 2.83 -13.48 17.12
C ASP A 412 1.82 -12.83 16.18
N GLU A 413 1.96 -13.07 14.86
CA GLU A 413 1.09 -12.48 13.85
C GLU A 413 1.10 -10.95 13.91
N TYR A 414 2.27 -10.39 14.20
CA TYR A 414 2.52 -8.96 14.07
C TYR A 414 3.44 -8.74 12.86
N TYR A 415 3.89 -7.50 12.68
CA TYR A 415 4.64 -7.16 11.49
C TYR A 415 5.99 -7.86 11.44
N ALA A 416 6.40 -8.22 10.22
CA ALA A 416 7.72 -8.79 9.97
C ALA A 416 8.07 -8.50 8.51
N ARG A 417 9.35 -8.23 8.27
CA ARG A 417 9.79 -7.91 6.92
C ARG A 417 10.04 -9.18 6.12
N SER A 418 9.46 -9.25 4.93
CA SER A 418 9.66 -10.40 4.07
C SER A 418 10.97 -10.25 3.29
N GLU A 419 11.34 -11.32 2.60
CA GLU A 419 12.60 -11.32 1.84
C GLU A 419 12.54 -10.37 0.66
N ASP A 420 11.36 -10.16 0.08
CA ASP A 420 11.21 -9.34 -1.11
C ASP A 420 10.39 -8.07 -0.85
N TYR A 421 10.29 -7.65 0.41
CA TYR A 421 9.45 -6.50 0.74
C TYR A 421 9.99 -5.21 0.12
N VAL A 422 11.32 -5.01 0.17
CA VAL A 422 11.90 -3.78 -0.34
C VAL A 422 11.84 -3.75 -1.86
N GLU A 423 12.01 -4.90 -2.51
CA GLU A 423 11.93 -4.94 -3.97
C GLU A 423 10.54 -4.56 -4.45
N LEU A 424 9.50 -4.79 -3.65
CA LEU A 424 8.15 -4.45 -4.05
C LEU A 424 7.85 -2.98 -3.81
N VAL A 425 8.25 -2.44 -2.66
CA VAL A 425 7.98 -1.04 -2.36
C VAL A 425 8.69 -0.13 -3.35
N GLN A 426 9.95 -0.43 -3.65
CA GLN A 426 10.71 0.31 -4.64
C GLN A 426 10.33 -0.06 -6.07
N ARG A 427 9.38 -0.97 -6.25
CA ARG A 427 8.85 -1.35 -7.56
C ARG A 427 9.96 -1.87 -8.47
N LYS A 428 10.91 -2.61 -7.89
CA LYS A 428 11.86 -3.38 -8.69
C LYS A 428 11.13 -4.50 -9.42
N ARG A 429 10.41 -5.32 -8.66
CA ARG A 429 9.51 -6.33 -9.20
C ARG A 429 8.08 -5.80 -9.10
N VAL A 430 7.35 -5.87 -10.21
CA VAL A 430 6.00 -5.33 -10.28
C VAL A 430 5.03 -6.47 -10.62
N GLY A 431 3.84 -6.41 -10.05
CA GLY A 431 2.83 -7.41 -10.30
C GLY A 431 1.74 -7.37 -9.23
N VAL A 432 0.95 -8.43 -9.19
CA VAL A 432 -0.10 -8.60 -8.19
C VAL A 432 0.33 -9.71 -7.25
N TRP A 433 0.50 -9.37 -5.98
CA TRP A 433 1.20 -10.23 -5.03
C TRP A 433 0.26 -10.70 -3.92
N ASN A 434 0.38 -11.97 -3.56
CA ASN A 434 -0.37 -12.56 -2.46
C ASN A 434 0.32 -12.18 -1.15
N VAL A 435 -0.25 -11.23 -0.42
CA VAL A 435 0.37 -10.70 0.79
C VAL A 435 -0.54 -10.96 1.99
N PRO A 436 0.02 -11.10 3.20
CA PRO A 436 -0.83 -11.48 4.35
C PRO A 436 -1.56 -10.31 5.01
N TYR A 437 -1.30 -9.07 4.61
CA TYR A 437 -1.91 -7.93 5.27
C TYR A 437 -2.02 -6.77 4.28
N ILE A 438 -3.19 -6.12 4.27
CA ILE A 438 -3.42 -4.90 3.52
C ILE A 438 -4.23 -3.95 4.39
N SER A 439 -4.26 -2.68 3.99
CA SER A 439 -4.96 -1.65 4.75
C SER A 439 -5.14 -0.43 3.86
N GLN A 440 -5.70 0.63 4.45
CA GLN A 440 -5.87 1.94 3.83
C GLN A 440 -6.79 1.92 2.61
N ALA A 441 -6.57 1.03 1.65
CA ALA A 441 -7.41 0.99 0.47
C ALA A 441 -7.41 -0.41 -0.11
N TYR A 442 -8.60 -0.91 -0.44
CA TYR A 442 -8.73 -2.23 -1.04
C TYR A 442 -10.12 -2.37 -1.66
N VAL A 443 -10.20 -3.22 -2.68
CA VAL A 443 -11.45 -3.51 -3.38
C VAL A 443 -11.82 -4.97 -3.11
N ILE A 444 -13.04 -5.19 -2.63
CA ILE A 444 -13.53 -6.51 -2.26
C ILE A 444 -14.74 -6.84 -3.13
N ARG A 445 -14.76 -8.06 -3.66
CA ARG A 445 -15.89 -8.51 -4.47
C ARG A 445 -17.12 -8.70 -3.58
N GLY A 446 -18.28 -8.28 -4.11
CA GLY A 446 -19.50 -8.38 -3.34
C GLY A 446 -19.92 -9.81 -3.07
N ASP A 447 -19.68 -10.71 -4.02
CA ASP A 447 -20.04 -12.11 -3.84
C ASP A 447 -19.27 -12.73 -2.68
N THR A 448 -17.99 -12.39 -2.54
CA THR A 448 -17.19 -12.93 -1.45
C THR A 448 -17.75 -12.54 -0.09
N LEU A 449 -18.34 -11.35 0.01
CA LEU A 449 -18.90 -10.91 1.29
C LEU A 449 -20.16 -11.68 1.65
N ARG A 450 -20.93 -12.12 0.65
CA ARG A 450 -22.15 -12.86 0.91
C ARG A 450 -21.91 -14.36 1.04
N MET A 451 -21.05 -14.92 0.18
CA MET A 451 -20.86 -16.36 0.12
C MET A 451 -19.80 -16.87 1.08
N GLU A 452 -18.72 -16.10 1.31
CA GLU A 452 -17.57 -16.61 2.04
C GLU A 452 -17.32 -15.94 3.37
N LEU A 453 -17.69 -14.67 3.53
CA LEU A 453 -17.60 -13.97 4.81
C LEU A 453 -18.95 -13.31 5.14
N PRO A 454 -19.98 -14.12 5.40
CA PRO A 454 -21.30 -13.54 5.65
C PRO A 454 -21.48 -12.95 7.04
N GLN A 455 -20.53 -13.18 7.95
CA GLN A 455 -20.68 -12.66 9.30
C GLN A 455 -20.45 -11.15 9.33
N ARG A 456 -21.00 -10.51 10.36
CA ARG A 456 -20.85 -9.06 10.43
C ARG A 456 -19.58 -8.68 11.19
N ASP A 457 -19.21 -9.47 12.21
CA ASP A 457 -18.01 -9.21 12.98
C ASP A 457 -16.75 -9.52 12.19
N VAL A 458 -16.46 -8.71 11.17
CA VAL A 458 -15.22 -8.84 10.41
C VAL A 458 -14.08 -8.08 11.07
N PHE A 459 -14.33 -6.83 11.47
CA PHE A 459 -13.34 -6.00 12.13
C PHE A 459 -13.41 -6.04 13.65
N SER A 460 -14.58 -6.26 14.22
CA SER A 460 -14.78 -6.26 15.65
C SER A 460 -14.83 -7.70 16.18
N GLY A 461 -15.11 -7.84 17.47
CA GLY A 461 -15.31 -9.16 18.04
C GLY A 461 -14.28 -9.56 19.08
N SER A 462 -13.01 -9.35 18.77
CA SER A 462 -11.92 -9.76 19.65
C SER A 462 -11.05 -8.57 19.98
N ASP A 463 -10.37 -8.65 21.12
CA ASP A 463 -9.46 -7.59 21.58
C ASP A 463 -8.20 -7.61 20.72
N THR A 464 -8.33 -7.07 19.52
CA THR A 464 -7.19 -6.90 18.62
C THR A 464 -7.51 -5.72 17.71
N ASP A 465 -6.49 -5.25 17.00
CA ASP A 465 -6.67 -4.13 16.10
C ASP A 465 -7.73 -4.48 15.05
N PRO A 466 -8.70 -3.60 14.80
CA PRO A 466 -9.73 -3.91 13.80
C PRO A 466 -9.16 -4.18 12.41
N ASP A 467 -8.00 -3.62 12.09
CA ASP A 467 -7.39 -3.88 10.79
C ASP A 467 -6.69 -5.23 10.75
N MET A 468 -6.11 -5.67 11.86
CA MET A 468 -5.50 -7.00 11.89
C MET A 468 -6.54 -8.10 11.92
N ALA A 469 -7.69 -7.86 12.54
CA ALA A 469 -8.75 -8.86 12.54
C ALA A 469 -9.41 -8.97 11.17
N PHE A 470 -9.40 -7.89 10.40
CA PHE A 470 -9.99 -7.94 9.06
C PHE A 470 -9.18 -8.83 8.13
N CYS A 471 -7.86 -8.73 8.18
CA CYS A 471 -7.03 -9.58 7.32
C CYS A 471 -7.03 -11.02 7.81
N LYS A 472 -7.02 -11.22 9.13
CA LYS A 472 -7.07 -12.57 9.67
C LYS A 472 -8.40 -13.24 9.38
N SER A 473 -9.48 -12.46 9.28
CA SER A 473 -10.77 -13.04 8.94
C SER A 473 -10.81 -13.57 7.52
N PHE A 474 -9.99 -13.02 6.62
CA PHE A 474 -9.91 -13.51 5.26
C PHE A 474 -8.91 -14.64 5.10
N ARG A 475 -7.83 -14.64 5.88
CA ARG A 475 -6.88 -15.75 5.81
C ARG A 475 -7.46 -17.02 6.41
N ASP A 476 -8.31 -16.90 7.42
CA ASP A 476 -8.91 -18.08 8.02
C ASP A 476 -9.85 -18.79 7.04
N LYS A 477 -10.43 -18.06 6.09
CA LYS A 477 -11.30 -18.65 5.09
C LYS A 477 -10.57 -19.00 3.80
N GLY A 478 -9.24 -18.91 3.79
CA GLY A 478 -8.50 -19.23 2.60
C GLY A 478 -8.67 -18.24 1.46
N ILE A 479 -8.83 -16.96 1.77
CA ILE A 479 -8.96 -15.92 0.75
C ILE A 479 -7.61 -15.26 0.56
N PHE A 480 -7.28 -14.98 -0.70
CA PHE A 480 -6.02 -14.31 -1.02
C PHE A 480 -6.20 -12.80 -0.91
N LEU A 481 -5.28 -12.16 -0.19
CA LEU A 481 -5.21 -10.71 -0.09
C LEU A 481 -4.20 -10.22 -1.11
N HIS A 482 -4.69 -9.76 -2.26
CA HIS A 482 -3.83 -9.34 -3.35
C HIS A 482 -3.40 -7.88 -3.19
N LEU A 483 -2.18 -7.61 -3.62
CA LEU A 483 -1.60 -6.27 -3.62
C LEU A 483 -0.97 -6.00 -4.96
N SER A 484 -1.37 -4.92 -5.61
CA SER A 484 -0.90 -4.59 -6.95
C SER A 484 0.01 -3.37 -6.90
N ASN A 485 1.23 -3.53 -7.42
CA ASN A 485 2.11 -2.40 -7.69
C ASN A 485 2.41 -2.28 -9.18
N GLN A 486 1.54 -2.84 -10.02
CA GLN A 486 1.70 -2.75 -11.47
C GLN A 486 1.66 -1.31 -11.97
N HIS A 487 1.00 -0.40 -11.25
CA HIS A 487 0.95 1.01 -11.61
C HIS A 487 1.25 1.85 -10.38
N GLU A 488 1.52 3.13 -10.62
CA GLU A 488 1.69 4.09 -9.54
CA GLU A 488 1.69 4.10 -9.54
C GLU A 488 0.30 4.58 -9.12
N PHE A 489 -0.15 4.13 -7.95
CA PHE A 489 -1.49 4.47 -7.50
C PHE A 489 -1.53 5.75 -6.66
N GLY A 490 -0.61 5.91 -5.72
CA GLY A 490 -0.59 7.11 -4.92
C GLY A 490 0.38 7.06 -3.76
N ARG A 491 -0.01 7.63 -2.62
CA ARG A 491 0.85 7.70 -1.45
C ARG A 491 0.00 7.76 -0.20
N LEU A 492 0.66 7.66 0.95
CA LEU A 492 0.01 7.76 2.25
C LEU A 492 0.43 9.05 2.94
N LEU A 493 -0.50 9.66 3.67
CA LEU A 493 -0.20 10.87 4.40
C LEU A 493 0.41 10.54 5.76
N ALA A 494 1.05 11.54 6.36
CA ALA A 494 1.64 11.43 7.69
C ALA A 494 0.70 12.11 8.68
N THR A 495 0.02 11.29 9.49
CA THR A 495 -0.93 11.80 10.47
C THR A 495 -0.45 11.56 11.90
N SER A 496 0.85 11.31 12.09
CA SER A 496 1.40 10.96 13.39
C SER A 496 1.12 12.05 14.42
N ARG A 497 1.75 13.21 14.25
CA ARG A 497 1.58 14.35 15.15
C ARG A 497 1.03 15.51 14.32
N TYR A 498 -0.28 15.54 14.18
CA TYR A 498 -0.98 16.58 13.41
C TYR A 498 -1.47 17.62 14.39
N ASP A 499 -0.79 18.76 14.44
CA ASP A 499 -1.16 19.84 15.35
C ASP A 499 -2.44 20.50 14.86
N THR A 500 -3.53 20.27 15.58
CA THR A 500 -4.86 20.70 15.15
C THR A 500 -5.30 22.02 15.78
N GLU A 501 -4.43 22.67 16.56
CA GLU A 501 -4.78 23.91 17.24
C GLU A 501 -4.21 25.11 16.48
N HIS A 502 -4.77 25.31 15.30
CA HIS A 502 -4.48 26.48 14.48
C HIS A 502 -5.72 26.82 13.68
N LEU A 503 -5.82 28.07 13.24
CA LEU A 503 -6.93 28.45 12.37
C LEU A 503 -6.87 27.69 11.05
N HIS A 504 -5.66 27.39 10.57
CA HIS A 504 -5.46 26.58 9.37
C HIS A 504 -4.31 25.64 9.64
N PRO A 505 -4.58 24.46 10.23
CA PRO A 505 -3.49 23.57 10.63
C PRO A 505 -2.68 23.02 9.47
N ASP A 506 -3.20 23.06 8.25
CA ASP A 506 -2.45 22.56 7.10
C ASP A 506 -1.30 23.46 6.71
N LEU A 507 -1.23 24.69 7.23
CA LEU A 507 -0.07 25.54 6.96
C LEU A 507 1.18 24.97 7.60
N TRP A 508 1.05 24.40 8.80
CA TRP A 508 2.18 23.83 9.53
C TRP A 508 2.60 22.45 9.01
N GLN A 509 2.04 22.00 7.89
CA GLN A 509 2.33 20.68 7.35
C GLN A 509 3.37 20.71 6.24
N ILE A 510 4.36 21.60 6.35
CA ILE A 510 5.41 21.65 5.34
C ILE A 510 6.50 20.62 5.60
N PHE A 511 6.66 20.18 6.85
CA PHE A 511 7.68 19.20 7.18
C PHE A 511 7.18 17.76 6.98
N ASP A 512 5.99 17.46 7.49
CA ASP A 512 5.50 16.09 7.51
C ASP A 512 4.98 15.64 6.15
N ASN A 513 4.26 16.51 5.45
CA ASN A 513 3.70 16.18 4.13
C ASN A 513 4.09 17.27 3.14
N PRO A 514 5.36 17.28 2.70
CA PRO A 514 5.79 18.36 1.81
C PRO A 514 5.23 18.27 0.41
N VAL A 515 5.01 17.07 -0.12
CA VAL A 515 4.48 16.94 -1.47
C VAL A 515 3.04 17.45 -1.53
N ASP A 516 2.25 17.15 -0.51
CA ASP A 516 0.89 17.67 -0.46
C ASP A 516 0.87 19.15 -0.08
N TRP A 517 1.85 19.58 0.72
CA TRP A 517 1.94 21.00 1.06
C TRP A 517 2.26 21.84 -0.17
N LYS A 518 3.07 21.30 -1.09
CA LYS A 518 3.46 22.07 -2.27
C LYS A 518 2.29 22.23 -3.23
N GLU A 519 1.45 21.19 -3.38
CA GLU A 519 0.35 21.29 -4.32
C GLU A 519 -0.72 22.26 -3.85
N GLN A 520 -0.87 22.42 -2.53
CA GLN A 520 -1.95 23.24 -1.99
C GLN A 520 -1.54 24.70 -1.81
N TYR A 521 -0.28 24.97 -1.49
CA TYR A 521 0.16 26.30 -1.09
C TYR A 521 1.12 26.97 -2.08
N ILE A 522 2.04 26.22 -2.68
CA ILE A 522 2.94 26.81 -3.66
C ILE A 522 2.17 27.08 -4.95
N HIS A 523 2.49 28.21 -5.59
CA HIS A 523 1.83 28.59 -6.83
C HIS A 523 1.97 27.49 -7.87
N GLU A 524 0.92 27.28 -8.66
CA GLU A 524 0.93 26.19 -9.63
C GLU A 524 1.93 26.42 -10.74
N ASN A 525 2.29 27.67 -11.03
CA ASN A 525 3.24 27.99 -12.08
C ASN A 525 4.64 28.25 -11.53
N TYR A 526 4.90 27.93 -10.27
CA TYR A 526 6.23 28.13 -9.70
C TYR A 526 7.24 27.19 -10.36
N SER A 527 6.93 25.90 -10.42
CA SER A 527 7.88 24.93 -10.94
C SER A 527 8.20 25.20 -12.41
N ARG A 528 7.19 25.55 -13.20
CA ARG A 528 7.44 25.91 -14.58
C ARG A 528 8.31 27.16 -14.69
N ALA A 529 8.14 28.10 -13.76
CA ALA A 529 8.98 29.29 -13.77
C ALA A 529 10.42 28.96 -13.38
N LEU A 530 10.59 28.01 -12.45
CA LEU A 530 11.94 27.61 -12.05
C LEU A 530 12.70 26.96 -13.19
N GLU A 531 11.99 26.29 -14.11
CA GLU A 531 12.61 25.73 -15.31
C GLU A 531 12.75 26.77 -16.43
N GLY A 532 12.45 28.04 -16.14
CA GLY A 532 12.59 29.09 -17.13
C GLY A 532 11.40 29.20 -18.07
N GLU A 533 11.67 29.51 -19.35
CA GLU A 533 10.66 29.57 -20.40
C GLU A 533 9.68 30.73 -20.18
N GLY A 534 10.23 31.92 -19.93
CA GLY A 534 9.48 33.15 -20.12
C GLY A 534 8.33 33.37 -19.16
N ILE A 535 8.43 32.86 -17.94
CA ILE A 535 7.46 33.17 -16.89
C ILE A 535 8.00 34.24 -15.94
N VAL A 536 9.25 34.09 -15.51
CA VAL A 536 9.87 35.09 -14.64
C VAL A 536 10.08 36.37 -15.43
N GLU A 537 9.67 37.49 -14.84
CA GLU A 537 9.82 38.81 -15.44
C GLU A 537 10.82 39.64 -14.66
N GLN A 538 11.33 40.68 -15.31
CA GLN A 538 12.28 41.62 -14.72
C GLN A 538 11.74 43.02 -14.93
N PRO A 539 10.82 43.47 -14.06
CA PRO A 539 10.21 44.79 -14.27
C PRO A 539 11.17 45.95 -14.05
N CYS A 540 12.08 45.82 -13.11
CA CYS A 540 13.12 46.79 -12.83
C CYS A 540 14.49 46.14 -13.06
N PRO A 541 15.54 46.95 -13.27
CA PRO A 541 16.84 46.38 -13.72
C PRO A 541 17.32 45.15 -12.94
N ASP A 542 17.41 45.22 -11.62
CA ASP A 542 17.86 44.07 -10.83
C ASP A 542 16.77 43.56 -9.90
N VAL A 543 15.51 43.73 -10.29
CA VAL A 543 14.37 43.25 -9.51
C VAL A 543 13.66 42.18 -10.33
N TYR A 544 13.52 40.99 -9.74
CA TYR A 544 12.93 39.86 -10.43
C TYR A 544 11.56 39.54 -9.86
N TRP A 545 10.68 39.06 -10.73
CA TRP A 545 9.26 38.88 -10.43
C TRP A 545 8.85 37.48 -10.86
N PHE A 546 8.50 36.63 -9.89
CA PHE A 546 8.12 35.26 -10.17
C PHE A 546 6.96 34.85 -9.27
N PRO A 547 6.12 33.92 -9.73
CA PRO A 547 5.04 33.42 -8.87
C PRO A 547 5.56 32.43 -7.83
N LEU A 548 5.09 32.61 -6.59
CA LEU A 548 5.59 31.81 -5.49
C LEU A 548 4.49 31.11 -4.72
N LEU A 549 3.49 31.87 -4.26
CA LEU A 549 2.43 31.32 -3.42
C LEU A 549 1.12 31.27 -4.19
N SER A 550 0.24 30.35 -3.76
CA SER A 550 -1.09 30.22 -4.35
C SER A 550 -2.07 31.16 -3.64
N GLU A 551 -3.26 31.29 -4.21
CA GLU A 551 -4.26 32.15 -3.59
C GLU A 551 -4.73 31.59 -2.26
N GLN A 552 -4.70 30.26 -2.09
CA GLN A 552 -5.09 29.69 -0.80
C GLN A 552 -4.02 29.92 0.26
N MET A 553 -2.75 29.92 -0.15
CA MET A 553 -1.67 30.19 0.80
C MET A 553 -1.72 31.63 1.29
N CYS A 554 -1.98 32.58 0.38
CA CYS A 554 -2.06 33.98 0.78
C CYS A 554 -3.24 34.23 1.70
N ASP A 555 -4.39 33.60 1.42
CA ASP A 555 -5.58 33.83 2.23
C ASP A 555 -5.42 33.26 3.63
N GLU A 556 -4.88 32.05 3.74
CA GLU A 556 -4.76 31.43 5.06
C GLU A 556 -3.67 32.08 5.89
N LEU A 557 -2.67 32.66 5.24
CA LEU A 557 -1.61 33.34 5.99
C LEU A 557 -2.08 34.69 6.52
N VAL A 558 -2.82 35.45 5.70
CA VAL A 558 -3.39 36.71 6.16
C VAL A 558 -4.35 36.47 7.30
N ALA A 559 -5.24 35.48 7.15
CA ALA A 559 -6.19 35.16 8.20
C ALA A 559 -5.51 34.69 9.47
N GLU A 560 -4.39 33.98 9.34
CA GLU A 560 -3.66 33.55 10.53
C GLU A 560 -3.00 34.73 11.24
N MET A 561 -2.65 35.77 10.47
CA MET A 561 -2.08 36.98 11.09
C MET A 561 -3.16 37.77 11.82
N GLU A 562 -4.28 38.02 11.15
CA GLU A 562 -5.37 38.76 11.80
C GLU A 562 -5.93 37.99 13.00
N HIS A 563 -5.93 36.66 12.94
CA HIS A 563 -6.36 35.88 14.09
C HIS A 563 -5.43 36.05 15.28
N TYR A 564 -4.17 36.44 15.04
CA TYR A 564 -3.29 36.82 16.14
C TYR A 564 -3.67 38.19 16.69
N GLY A 565 -3.81 39.17 15.80
CA GLY A 565 -4.40 40.45 16.12
C GLY A 565 -3.43 41.53 16.58
N GLN A 566 -2.33 41.16 17.22
CA GLN A 566 -1.43 42.13 17.85
C GLN A 566 -0.38 42.58 16.84
N TRP A 567 -0.72 43.62 16.08
CA TRP A 567 0.19 44.18 15.10
C TRP A 567 1.21 45.10 15.78
N SER A 568 2.15 45.58 14.98
CA SER A 568 3.21 46.46 15.47
C SER A 568 2.77 47.91 15.41
N GLY A 569 3.02 48.65 16.49
CA GLY A 569 2.69 50.06 16.52
C GLY A 569 3.90 50.95 16.76
N GLY A 570 3.90 51.67 17.87
CA GLY A 570 5.02 52.52 18.20
C GLY A 570 6.18 51.74 18.80
N ARG A 571 7.38 52.27 18.61
CA ARG A 571 8.62 51.69 19.15
C ARG A 571 8.87 50.28 18.61
N HIS A 572 8.52 50.06 17.35
CA HIS A 572 8.88 48.84 16.64
C HIS A 572 10.00 49.16 15.65
N GLU A 573 11.08 48.40 15.69
CA GLU A 573 12.26 48.67 14.90
C GLU A 573 12.54 47.49 13.98
N ASP A 574 12.47 47.73 12.67
CA ASP A 574 12.87 46.75 11.68
C ASP A 574 14.24 47.13 11.13
N SER A 575 15.03 46.11 10.79
CA SER A 575 16.40 46.34 10.32
C SER A 575 16.41 46.98 8.94
N ARG A 576 16.01 48.25 8.87
CA ARG A 576 16.08 49.03 7.65
C ARG A 576 17.07 50.17 7.83
N LEU A 577 17.47 50.78 6.71
CA LEU A 577 18.52 51.80 6.72
C LEU A 577 18.05 53.01 5.94
N ALA A 578 17.92 54.15 6.63
CA ALA A 578 17.58 55.42 5.99
C ALA A 578 18.42 56.52 6.61
N GLY A 579 19.09 57.30 5.76
CA GLY A 579 19.97 58.35 6.23
C GLY A 579 21.16 57.80 6.98
N GLY A 580 21.13 57.90 8.31
CA GLY A 580 22.21 57.36 9.13
C GLY A 580 21.69 56.61 10.33
N TYR A 581 20.40 56.25 10.31
CA TYR A 581 19.78 55.56 11.43
C TYR A 581 18.90 54.43 10.91
N GLU A 582 18.56 53.52 11.82
CA GLU A 582 17.69 52.39 11.48
C GLU A 582 16.31 52.58 12.09
N ASN A 583 15.71 53.73 11.86
CA ASN A 583 14.42 54.07 12.46
C ASN A 583 13.31 54.10 11.42
N VAL A 584 13.16 53.02 10.66
CA VAL A 584 12.13 52.90 9.63
C VAL A 584 11.19 51.78 10.03
N PRO A 585 10.08 52.09 10.70
CA PRO A 585 9.20 51.06 11.21
C PRO A 585 8.08 50.70 10.24
N THR A 586 7.41 49.60 10.55
CA THR A 586 6.21 49.17 9.83
C THR A 586 5.23 48.57 10.82
N VAL A 587 3.95 48.55 10.43
CA VAL A 587 2.91 47.86 11.17
C VAL A 587 2.93 46.41 10.70
N ASP A 588 3.65 45.56 11.44
CA ASP A 588 3.93 44.20 10.96
C ASP A 588 3.78 43.21 12.11
N ILE A 589 3.78 41.93 11.74
CA ILE A 589 3.81 40.82 12.69
C ILE A 589 4.87 39.83 12.20
N HIS A 590 5.83 39.51 13.06
CA HIS A 590 6.89 38.59 12.70
C HIS A 590 6.40 37.15 12.75
N MET A 591 6.99 36.31 11.91
CA MET A 591 6.64 34.89 11.92
C MET A 591 7.02 34.24 13.25
N LYS A 592 7.99 34.82 13.96
CA LYS A 592 8.40 34.27 15.24
C LYS A 592 7.30 34.41 16.29
N GLN A 593 6.45 35.43 16.16
CA GLN A 593 5.39 35.67 17.13
C GLN A 593 4.26 34.64 17.04
N VAL A 594 4.00 34.12 15.84
CA VAL A 594 2.91 33.17 15.63
C VAL A 594 3.39 31.73 15.61
N GLY A 595 4.66 31.50 15.91
CA GLY A 595 5.20 30.14 15.86
C GLY A 595 5.30 29.57 14.46
N TYR A 596 5.58 30.41 13.47
CA TYR A 596 5.67 29.98 12.08
C TYR A 596 7.03 30.33 11.47
N GLU A 597 8.04 30.60 12.30
CA GLU A 597 9.35 30.96 11.77
C GLU A 597 10.02 29.78 11.10
N ASP A 598 10.12 28.65 11.83
CA ASP A 598 10.75 27.46 11.26
C ASP A 598 10.03 26.99 10.01
N GLN A 599 8.72 27.20 9.92
CA GLN A 599 7.98 26.76 8.74
C GLN A 599 8.25 27.67 7.55
N TRP A 600 8.43 28.97 7.78
CA TRP A 600 8.71 29.87 6.67
C TRP A 600 10.16 29.77 6.22
N LEU A 601 11.08 29.47 7.14
CA LEU A 601 12.47 29.24 6.75
C LEU A 601 12.57 28.05 5.82
N GLN A 602 11.75 27.02 6.04
CA GLN A 602 11.75 25.85 5.18
C GLN A 602 11.24 26.19 3.78
N LEU A 603 10.29 27.12 3.67
CA LEU A 603 9.87 27.59 2.36
C LEU A 603 11.00 28.31 1.64
N LEU A 604 11.80 29.07 2.39
CA LEU A 604 12.90 29.81 1.77
C LEU A 604 13.99 28.87 1.27
N ARG A 605 14.33 27.85 2.05
CA ARG A 605 15.34 26.90 1.64
C ARG A 605 14.91 26.09 0.43
N THR A 606 13.65 25.64 0.42
CA THR A 606 13.19 24.70 -0.60
C THR A 606 12.80 25.39 -1.89
N TYR A 607 12.16 26.57 -1.81
CA TYR A 607 11.58 27.18 -3.01
C TYR A 607 12.18 28.52 -3.39
N VAL A 608 12.61 29.33 -2.43
CA VAL A 608 13.17 30.66 -2.71
C VAL A 608 14.65 30.57 -3.08
N GLY A 609 15.43 29.85 -2.27
CA GLY A 609 16.85 29.69 -2.51
C GLY A 609 17.18 29.23 -3.92
N PRO A 610 16.65 28.07 -4.33
CA PRO A 610 16.88 27.61 -5.71
C PRO A 610 16.46 28.61 -6.77
N MET A 611 15.41 29.39 -6.53
CA MET A 611 15.01 30.41 -7.50
C MET A 611 16.02 31.55 -7.54
N THR A 612 16.65 31.86 -6.41
CA THR A 612 17.63 32.94 -6.37
C THR A 612 18.90 32.57 -7.12
N GLU A 613 19.41 31.35 -6.88
CA GLU A 613 20.62 30.90 -7.55
C GLU A 613 20.41 30.74 -9.06
N SER A 614 19.17 30.58 -9.50
CA SER A 614 18.91 30.48 -10.93
C SER A 614 18.92 31.85 -11.59
N LEU A 615 18.39 32.86 -10.91
CA LEU A 615 18.30 34.21 -11.47
C LEU A 615 19.59 35.01 -11.31
N PHE A 616 20.42 34.67 -10.32
CA PHE A 616 21.70 35.33 -10.08
C PHE A 616 22.80 34.31 -10.22
N PRO A 617 23.26 34.04 -11.45
CA PRO A 617 24.30 33.02 -11.66
C PRO A 617 25.58 33.36 -10.91
N GLY A 618 25.99 32.44 -10.04
CA GLY A 618 27.18 32.59 -9.23
C GLY A 618 26.91 32.75 -7.75
N TYR A 619 25.69 33.11 -7.37
CA TYR A 619 25.32 33.30 -5.98
C TYR A 619 24.78 31.99 -5.40
N HIS A 620 25.10 31.74 -4.14
CA HIS A 620 24.68 30.52 -3.46
C HIS A 620 24.08 30.88 -2.10
N THR A 621 22.89 30.35 -1.83
CA THR A 621 22.17 30.64 -0.60
C THR A 621 21.97 29.38 0.23
N LYS A 622 21.88 29.59 1.54
CA LYS A 622 21.27 28.63 2.46
C LYS A 622 19.99 29.17 3.04
N ALA A 623 19.52 30.32 2.53
CA ALA A 623 18.22 30.90 2.88
C ALA A 623 18.17 31.26 4.37
N ARG A 624 19.23 31.89 4.84
CA ARG A 624 19.24 32.46 6.19
C ARG A 624 18.42 33.73 6.23
N ALA A 625 17.60 33.86 7.27
CA ALA A 625 16.75 35.05 7.41
C ALA A 625 16.32 35.17 8.86
N VAL A 626 16.67 36.28 9.50
CA VAL A 626 16.20 36.57 10.85
C VAL A 626 15.00 37.50 10.87
N MET A 627 14.73 38.22 9.78
CA MET A 627 13.62 39.16 9.70
C MET A 627 12.61 38.64 8.68
N ASN A 628 11.54 38.03 9.19
CA ASN A 628 10.41 37.58 8.39
C ASN A 628 9.14 38.10 9.04
N PHE A 629 8.35 38.85 8.28
CA PHE A 629 7.16 39.47 8.86
C PHE A 629 6.18 39.85 7.77
N VAL A 630 4.93 40.04 8.16
CA VAL A 630 3.84 40.45 7.27
C VAL A 630 3.49 41.90 7.61
N VAL A 631 3.53 42.76 6.61
CA VAL A 631 3.26 44.18 6.79
C VAL A 631 1.81 44.47 6.43
N ARG A 632 1.21 45.42 7.16
CA ARG A 632 -0.14 45.88 6.89
C ARG A 632 -0.12 47.36 6.58
N TYR A 633 -0.65 47.73 5.42
CA TYR A 633 -0.74 49.12 4.99
C TYR A 633 -2.21 49.55 4.98
N ARG A 634 -2.52 50.60 5.73
CA ARG A 634 -3.87 51.14 5.81
C ARG A 634 -3.82 52.66 5.86
N PRO A 635 -4.79 53.34 5.23
CA PRO A 635 -4.85 54.80 5.37
C PRO A 635 -5.05 55.27 6.80
N ASP A 636 -5.58 54.42 7.68
CA ASP A 636 -5.77 54.80 9.07
C ASP A 636 -4.47 54.71 9.87
N GLU A 637 -3.61 53.74 9.55
CA GLU A 637 -2.35 53.56 10.26
C GLU A 637 -1.27 53.16 9.27
N GLN A 638 -0.24 54.00 9.15
CA GLN A 638 0.93 53.77 8.30
C GLN A 638 0.54 53.30 6.91
N PRO A 639 0.13 54.20 6.01
CA PRO A 639 -0.24 53.78 4.66
C PRO A 639 0.92 53.65 3.70
N SER A 640 2.13 54.01 4.11
CA SER A 640 3.27 54.05 3.19
C SER A 640 4.54 53.67 3.96
N LEU A 641 5.67 53.75 3.27
CA LEU A 641 6.96 53.47 3.87
C LEU A 641 8.01 54.34 3.19
N ARG A 642 8.68 55.19 3.96
CA ARG A 642 9.62 56.15 3.39
C ARG A 642 10.86 55.43 2.83
N PRO A 643 11.57 56.06 1.90
CA PRO A 643 12.71 55.38 1.25
C PRO A 643 13.75 54.91 2.26
N HIS A 644 14.35 53.77 1.96
CA HIS A 644 15.26 53.11 2.89
C HIS A 644 15.97 51.96 2.17
N HIS A 645 16.96 51.40 2.85
CA HIS A 645 17.62 50.17 2.46
C HIS A 645 17.23 49.04 3.41
N ASP A 646 17.54 47.81 3.00
CA ASP A 646 17.27 46.64 3.81
C ASP A 646 18.57 46.03 4.31
N SER A 647 18.53 45.49 5.53
CA SER A 647 19.70 44.82 6.11
C SER A 647 19.70 43.35 5.66
N SER A 648 20.01 43.17 4.38
CA SER A 648 19.96 41.85 3.76
C SER A 648 20.70 41.90 2.43
N THR A 649 21.18 40.73 2.00
CA THR A 649 21.79 40.64 0.67
C THR A 649 20.73 40.82 -0.40
N PHE A 650 19.60 40.13 -0.27
CA PHE A 650 18.46 40.33 -1.16
C PHE A 650 17.19 40.21 -0.33
N THR A 651 16.12 40.80 -0.84
CA THR A 651 14.84 40.88 -0.14
C THR A 651 13.78 40.13 -0.94
N LEU A 652 12.94 39.39 -0.23
CA LEU A 652 11.79 38.71 -0.83
C LEU A 652 10.54 39.49 -0.46
N ASN A 653 9.85 40.01 -1.47
CA ASN A 653 8.65 40.84 -1.27
C ASN A 653 7.49 40.13 -1.96
N VAL A 654 6.61 39.51 -1.16
CA VAL A 654 5.49 38.73 -1.68
C VAL A 654 4.20 39.45 -1.33
N ALA A 655 3.36 39.68 -2.34
CA ALA A 655 2.03 40.20 -2.09
C ALA A 655 1.14 39.12 -1.48
N LEU A 656 0.06 39.55 -0.84
CA LEU A 656 -0.84 38.62 -0.18
C LEU A 656 -2.32 38.89 -0.44
N ASN A 657 -2.65 39.86 -1.30
CA ASN A 657 -4.04 40.10 -1.67
C ASN A 657 -4.07 40.77 -3.04
N HIS A 658 -5.25 41.22 -3.45
CA HIS A 658 -5.47 41.74 -4.78
C HIS A 658 -5.48 43.26 -4.78
N LYS A 659 -4.87 43.84 -5.81
CA LYS A 659 -4.95 45.28 -6.03
C LYS A 659 -6.26 45.61 -6.73
N GLY A 660 -7.10 46.40 -6.07
CA GLY A 660 -8.39 46.76 -6.62
C GLY A 660 -9.54 46.16 -5.84
N LEU A 661 -9.46 44.85 -5.56
CA LEU A 661 -10.51 44.20 -4.79
C LEU A 661 -10.33 44.40 -3.30
N ASP A 662 -9.09 44.49 -2.82
CA ASP A 662 -8.81 44.65 -1.40
C ASP A 662 -8.17 45.98 -1.04
N TYR A 663 -7.46 46.62 -1.97
CA TYR A 663 -6.81 47.88 -1.68
C TYR A 663 -6.57 48.64 -2.98
N GLU A 664 -6.59 49.96 -2.87
CA GLU A 664 -6.20 50.86 -3.95
C GLU A 664 -4.96 51.62 -3.50
N GLY A 665 -3.87 51.48 -4.26
CA GLY A 665 -2.64 52.13 -3.88
C GLY A 665 -1.44 51.47 -4.52
N GLY A 666 -0.35 52.22 -4.68
CA GLY A 666 0.83 51.71 -5.33
C GLY A 666 1.54 50.64 -4.53
N GLY A 667 2.64 50.15 -5.10
CA GLY A 667 3.44 49.13 -4.46
C GLY A 667 4.81 49.60 -4.05
N CYS A 668 5.83 49.21 -4.80
CA CYS A 668 7.21 49.54 -4.48
C CYS A 668 7.78 50.48 -5.55
N ARG A 669 8.73 51.31 -5.14
CA ARG A 669 9.38 52.25 -6.04
C ARG A 669 10.87 52.27 -5.74
N PHE A 670 11.68 52.02 -6.77
CA PHE A 670 13.14 52.03 -6.65
C PHE A 670 13.64 53.35 -7.21
N LEU A 671 14.20 54.19 -6.35
CA LEU A 671 14.46 55.58 -6.71
C LEU A 671 15.62 55.71 -7.68
N ARG A 672 16.68 54.92 -7.50
CA ARG A 672 17.87 55.05 -8.33
C ARG A 672 17.62 54.69 -9.80
N TYR A 673 16.49 54.07 -10.12
CA TYR A 673 16.16 53.70 -11.48
C TYR A 673 14.88 54.33 -12.00
N ASP A 674 14.12 55.00 -11.15
CA ASP A 674 12.81 55.56 -11.51
C ASP A 674 11.91 54.48 -12.09
N CYS A 675 11.91 53.32 -11.43
CA CYS A 675 11.10 52.17 -11.80
C CYS A 675 10.05 51.95 -10.73
N VAL A 676 8.81 51.71 -11.15
CA VAL A 676 7.68 51.61 -10.24
C VAL A 676 6.99 50.27 -10.45
N ILE A 677 6.69 49.58 -9.36
CA ILE A 677 5.85 48.38 -9.37
C ILE A 677 4.47 48.85 -8.94
N SER A 678 3.68 49.32 -9.91
CA SER A 678 2.39 49.93 -9.61
C SER A 678 1.26 48.92 -9.49
N SER A 679 1.40 47.73 -10.08
CA SER A 679 0.34 46.72 -10.07
C SER A 679 0.92 45.41 -9.55
N PRO A 680 0.98 45.23 -8.24
CA PRO A 680 1.46 43.96 -7.69
C PRO A 680 0.47 42.83 -7.97
N ARG A 681 1.03 41.64 -8.21
CA ARG A 681 0.26 40.43 -8.41
C ARG A 681 0.20 39.65 -7.11
N LYS A 682 -0.96 39.03 -6.85
CA LYS A 682 -1.23 38.48 -5.52
C LYS A 682 -0.22 37.41 -5.13
N GLY A 683 -0.19 36.31 -5.87
CA GLY A 683 0.69 35.23 -5.48
C GLY A 683 2.14 35.37 -5.86
N TRP A 684 2.52 36.47 -6.51
CA TRP A 684 3.87 36.64 -7.01
C TRP A 684 4.78 37.24 -5.95
N ALA A 685 6.07 37.22 -6.22
CA ALA A 685 7.08 37.68 -5.28
C ALA A 685 8.10 38.54 -6.01
N LEU A 686 8.64 39.53 -5.29
CA LEU A 686 9.70 40.39 -5.78
C LEU A 686 11.02 39.98 -5.14
N LEU A 687 12.06 39.92 -5.96
CA LEU A 687 13.40 39.53 -5.52
C LEU A 687 14.37 40.62 -5.96
N HIS A 688 14.84 41.42 -5.01
CA HIS A 688 15.72 42.54 -5.32
C HIS A 688 16.83 42.62 -4.26
N PRO A 689 17.99 43.17 -4.62
CA PRO A 689 19.05 43.36 -3.62
C PRO A 689 18.64 44.37 -2.56
N GLY A 690 19.15 44.18 -1.35
CA GLY A 690 18.73 44.99 -0.23
C GLY A 690 19.60 46.19 0.06
N ARG A 691 20.86 46.17 -0.38
CA ARG A 691 21.84 47.17 -0.01
C ARG A 691 22.33 47.94 -1.22
N LEU A 692 22.82 49.15 -0.95
CA LEU A 692 23.52 49.99 -1.92
C LEU A 692 22.64 50.48 -3.06
N THR A 693 22.33 49.60 -4.02
CA THR A 693 21.81 50.05 -5.31
C THR A 693 20.29 50.19 -5.35
N HIS A 694 19.56 49.64 -4.38
CA HIS A 694 18.10 49.59 -4.46
C HIS A 694 17.49 50.31 -3.25
N TYR A 695 17.56 51.64 -3.29
CA TYR A 695 16.86 52.49 -2.34
C TYR A 695 15.38 52.46 -2.69
N HIS A 696 14.61 51.61 -2.01
CA HIS A 696 13.22 51.38 -2.38
C HIS A 696 12.27 52.06 -1.41
N GLU A 697 11.12 52.48 -1.94
CA GLU A 697 10.13 53.26 -1.21
C GLU A 697 8.75 52.65 -1.40
N GLY A 698 8.00 52.54 -0.31
CA GLY A 698 6.65 52.01 -0.37
C GLY A 698 5.59 53.05 -0.66
N LEU A 699 4.94 52.93 -1.81
CA LEU A 699 3.91 53.89 -2.20
C LEU A 699 2.72 53.82 -1.25
N PRO A 700 1.98 54.92 -1.09
CA PRO A 700 0.90 54.96 -0.10
C PRO A 700 -0.29 54.12 -0.54
N THR A 701 -0.93 53.49 0.45
CA THR A 701 -2.17 52.77 0.23
C THR A 701 -3.35 53.70 0.51
N THR A 702 -4.15 53.96 -0.51
CA THR A 702 -5.20 54.97 -0.43
C THR A 702 -6.53 54.43 0.10
N TRP A 703 -6.84 53.16 -0.14
CA TRP A 703 -8.11 52.60 0.32
C TRP A 703 -7.92 51.15 0.72
N GLY A 704 -8.76 50.70 1.66
CA GLY A 704 -8.75 49.32 2.11
C GLY A 704 -7.53 48.91 2.91
N THR A 705 -7.03 47.70 2.65
CA THR A 705 -5.89 47.15 3.36
C THR A 705 -4.99 46.39 2.38
N ARG A 706 -3.69 46.55 2.55
CA ARG A 706 -2.70 45.93 1.68
C ARG A 706 -1.74 45.11 2.53
N TYR A 707 -1.68 43.81 2.27
CA TYR A 707 -0.81 42.89 2.99
C TYR A 707 0.33 42.45 2.09
N ILE A 708 1.53 42.33 2.67
CA ILE A 708 2.69 41.80 1.97
C ILE A 708 3.50 40.96 2.95
N MET A 709 4.16 39.93 2.42
CA MET A 709 5.10 39.11 3.17
C MET A 709 6.51 39.44 2.71
N VAL A 710 7.41 39.71 3.65
CA VAL A 710 8.75 40.17 3.35
C VAL A 710 9.75 39.46 4.25
N SER A 711 10.84 38.98 3.65
CA SER A 711 11.95 38.37 4.39
C SER A 711 13.25 38.99 3.96
N PHE A 712 14.10 39.33 4.93
CA PHE A 712 15.43 39.88 4.68
C PHE A 712 16.42 38.73 4.72
N VAL A 713 16.76 38.21 3.55
CA VAL A 713 17.52 36.97 3.45
C VAL A 713 19.00 37.27 3.38
N ASP A 714 19.80 36.42 4.04
CA ASP A 714 21.26 36.50 4.07
C ASP A 714 21.74 37.85 4.57
N PRO A 715 21.60 38.15 5.87
CA PRO A 715 22.14 39.39 6.42
C PRO A 715 23.59 39.23 6.88
C1 NAG B . -0.50 29.49 -14.73
C2 NAG B . -1.68 30.40 -14.38
C3 NAG B . -2.86 30.13 -15.31
C4 NAG B . -2.43 30.21 -16.77
C5 NAG B . -1.21 29.32 -17.02
C6 NAG B . -0.65 29.46 -18.42
C7 NAG B . -2.38 31.25 -12.18
C8 NAG B . -2.76 30.88 -10.78
N2 NAG B . -2.07 30.23 -12.99
O3 NAG B . -3.88 31.08 -15.05
O4 NAG B . -3.48 29.77 -17.61
O5 NAG B . -0.15 29.67 -16.11
O6 NAG B . 0.59 30.16 -18.41
O7 NAG B . -2.35 32.41 -12.57
C1 NAG B . -4.08 30.91 -18.27
C2 NAG B . -4.92 30.40 -19.45
C3 NAG B . -5.60 31.57 -20.15
C4 NAG B . -6.40 32.40 -19.15
C5 NAG B . -5.52 32.81 -17.98
C6 NAG B . -6.28 33.51 -16.88
C7 NAG B . -4.27 28.36 -20.65
C8 NAG B . -3.33 27.75 -21.65
N2 NAG B . -4.08 29.66 -20.40
O3 NAG B . -6.46 31.07 -21.17
O4 NAG B . -6.92 33.55 -19.78
O5 NAG B . -4.91 31.65 -17.38
O6 NAG B . -6.75 32.59 -15.90
O7 NAG B . -5.15 27.70 -20.10
C1 GOL C . 8.29 -15.97 4.52
O1 GOL C . 7.42 -15.17 5.27
C2 GOL C . 9.60 -15.22 4.26
O2 GOL C . 9.58 -14.68 2.96
C3 GOL C . 9.76 -14.11 5.28
O3 GOL C . 10.99 -13.44 5.08
HG HG D . 3.40 -40.50 13.80
HG HG E . 5.53 45.83 -4.75
HG HG F . -5.97 -4.56 7.63
C1 AKG G . 9.91 46.67 3.21
O1 AKG G . 9.22 45.94 3.97
O2 AKG G . 11.01 47.12 3.60
C2 AKG G . 9.41 46.99 1.81
O5 AKG G . 10.08 46.72 0.87
C3 AKG G . 8.05 47.66 1.61
C4 AKG G . 8.00 48.29 0.21
C5 AKG G . 6.70 47.87 -0.47
O3 AKG G . 6.75 47.17 -1.52
O4 AKG G . 5.60 48.22 0.00
N1 UDP H . -9.42 -30.22 1.87
C2 UDP H . -10.54 -29.98 1.09
N3 UDP H . -11.62 -29.29 1.64
C4 UDP H . -11.56 -28.85 2.94
C5 UDP H . -10.42 -29.11 3.71
C6 UDP H . -9.45 -29.96 3.21
O2 UDP H . -10.59 -30.37 -0.07
O4 UDP H . -12.51 -28.25 3.43
C1' UDP H . -8.28 -30.95 1.28
C2' UDP H . -7.34 -29.96 0.63
O2' UDP H . -6.89 -30.45 -0.61
C3' UDP H . -6.19 -29.85 1.60
C4' UDP H . -6.20 -31.20 2.29
O4' UDP H . -7.55 -31.61 2.29
O3' UDP H . -4.99 -29.62 0.92
C5' UDP H . -5.62 -31.12 3.70
O5' UDP H . -5.63 -29.77 4.07
PA UDP H . -4.33 -29.06 4.69
O1A UDP H . -3.37 -28.86 3.59
O2A UDP H . -4.70 -27.77 5.32
O3A UDP H . -3.70 -30.07 5.77
PB UDP H . -2.12 -30.06 6.10
O1B UDP H . -1.79 -31.16 7.04
O2B UDP H . -1.77 -28.78 6.74
O3B UDP H . -1.35 -30.21 4.86
MN MN I . -1.64 -29.63 3.03
FE FE2 J . 12.37 47.05 2.24
FE FE2 K . 8.69 44.42 12.10
C1 NAG L . 2.48 -28.52 -23.34
C2 NAG L . 3.85 -28.02 -23.84
C3 NAG L . 3.66 -27.09 -25.02
C4 NAG L . 2.83 -27.76 -26.12
C5 NAG L . 1.52 -28.27 -25.53
C6 NAG L . 0.70 -29.05 -26.52
C7 NAG L . 5.43 -27.97 -21.96
C8 NAG L . 6.09 -27.13 -20.91
N2 NAG L . 4.57 -27.35 -22.77
O3 NAG L . 4.94 -26.73 -25.54
O4 NAG L . 2.56 -26.85 -27.17
O5 NAG L . 1.78 -29.15 -24.42
O6 NAG L . -0.70 -28.77 -26.39
O7 NAG L . 5.66 -29.18 -22.06
#